data_1MIY
#
_entry.id   1MIY
#
_cell.length_a   105.552
_cell.length_b   105.552
_cell.length_c   182.745
_cell.angle_alpha   90.00
_cell.angle_beta   90.00
_cell.angle_gamma   120.00
#
_symmetry.space_group_name_H-M   'P 31 2 1'
#
loop_
_entity.id
_entity.type
_entity.pdbx_description
1 polymer 'tRNA CCA-adding enzyme'
2 non-polymer 'MAGNESIUM ION'
3 non-polymer "CYTIDINE-5'-TRIPHOSPHATE"
4 water water
#
_entity_poly.entity_id   1
_entity_poly.type   'polypeptide(L)'
_entity_poly.pdbx_seq_one_letter_code
;MKPPFQEALGIIQQLKQHGYDAYFVGGAVRDLLLGRPIGDVDIATSALPEDVMAIFPKTIDVGSKHGTVVVVHKGKAYEV
TTFKTDGDYEDYRRPESVTFVRSLEEDLKRRDFTMNAIAMDEYGTIIDPFGGREAIRRRIIRTVGEAEKRFREDALRMMR
AVRFVSELGFALAPDTEQAIVQNAPLLAHISVERMTMEMEKLLGGPFAARALPLLAETGLNAYLPGLAGKEKQLRLAAAY
RWPWLAAREERWALLCHALGVQESRPFLRAWKLPNKVVDEAGAILTALADIPRPEAWTNEQLFSAGLERALSVETVRAAF
TGAPPGPWHEKLRRRFASLPIKTKGELAVNGKDVIEWVGKPAGPWVKEALDAIWRAVVNGEVENEKERIYAWLMERNRTR
EKNC
;
_entity_poly.pdbx_strand_id   A,B
#
loop_
_chem_comp.id
_chem_comp.type
_chem_comp.name
_chem_comp.formula
CTP non-polymer CYTIDINE-5'-TRIPHOSPHATE 'C9 H16 N3 O14 P3'
MG non-polymer 'MAGNESIUM ION' 'Mg 2'
#
# COMPACT_ATOMS: atom_id res chain seq x y z
N MET A 1 20.92 4.10 -19.48
CA MET A 1 19.78 3.76 -18.58
C MET A 1 19.91 2.34 -18.04
N LYS A 2 20.11 2.24 -16.73
CA LYS A 2 20.03 0.94 -16.04
C LYS A 2 18.60 0.34 -16.00
N PRO A 3 18.46 -0.96 -16.30
CA PRO A 3 17.15 -1.63 -16.24
C PRO A 3 16.31 -1.29 -14.99
N PRO A 4 16.91 -1.09 -13.80
CA PRO A 4 16.13 -0.61 -12.66
C PRO A 4 15.18 0.51 -13.08
N PHE A 5 15.76 1.59 -13.61
CA PHE A 5 15.04 2.81 -13.97
C PHE A 5 14.35 2.69 -15.30
N GLN A 6 14.93 1.86 -16.16
CA GLN A 6 14.35 1.56 -17.47
C GLN A 6 12.84 1.31 -17.40
N GLU A 7 12.41 0.21 -16.77
CA GLU A 7 10.98 -0.06 -16.63
C GLU A 7 10.29 1.09 -15.89
N ALA A 8 11.02 1.68 -14.93
CA ALA A 8 10.49 2.76 -14.07
C ALA A 8 10.40 4.10 -14.80
N LEU A 9 10.98 4.13 -15.99
CA LEU A 9 10.95 5.33 -16.82
C LEU A 9 9.57 5.78 -17.21
N GLY A 10 8.70 4.83 -17.51
CA GLY A 10 7.30 5.15 -17.76
C GLY A 10 6.66 6.08 -16.72
N ILE A 11 6.72 5.69 -15.44
CA ILE A 11 6.13 6.48 -14.38
C ILE A 11 6.39 7.95 -14.68
N ILE A 12 7.67 8.28 -14.94
CA ILE A 12 8.08 9.67 -15.18
C ILE A 12 7.36 10.16 -16.38
N GLN A 13 7.60 9.48 -17.50
CA GLN A 13 7.10 9.86 -18.83
C GLN A 13 5.62 10.26 -18.81
N GLN A 14 4.77 9.35 -18.37
CA GLN A 14 3.36 9.67 -18.26
C GLN A 14 3.11 10.91 -17.37
N LEU A 15 3.96 11.13 -16.36
CA LEU A 15 3.79 12.26 -15.46
C LEU A 15 4.26 13.53 -16.16
N LYS A 16 5.16 13.38 -17.11
CA LYS A 16 5.66 14.52 -17.85
C LYS A 16 4.67 14.95 -18.93
N GLN A 17 4.06 13.98 -19.61
CA GLN A 17 3.17 14.24 -20.73
C GLN A 17 1.93 15.00 -20.31
N HIS A 18 1.39 14.62 -19.14
CA HIS A 18 0.31 15.35 -18.48
C HIS A 18 0.84 16.61 -17.81
N GLY A 19 1.96 17.12 -18.32
CA GLY A 19 2.60 18.35 -17.84
C GLY A 19 2.89 18.43 -16.35
N TYR A 20 3.62 17.46 -15.80
CA TYR A 20 3.83 17.45 -14.36
C TYR A 20 5.27 17.51 -13.86
N ASP A 21 6.23 16.93 -14.60
CA ASP A 21 7.63 16.94 -14.15
C ASP A 21 7.87 16.00 -12.95
N ALA A 22 8.77 15.02 -13.15
CA ALA A 22 9.10 14.02 -12.14
C ALA A 22 10.57 13.65 -12.22
N TYR A 23 11.11 13.19 -11.08
CA TYR A 23 12.47 12.70 -10.96
C TYR A 23 12.65 11.38 -10.23
N PHE A 24 13.76 10.71 -10.57
CA PHE A 24 14.26 9.60 -9.79
C PHE A 24 14.92 10.24 -8.58
N VAL A 25 14.60 9.74 -7.39
CA VAL A 25 15.13 10.29 -6.15
C VAL A 25 15.52 9.21 -5.17
N GLY A 26 16.48 9.53 -4.33
CA GLY A 26 16.79 8.68 -3.20
C GLY A 26 17.91 7.72 -3.46
N GLY A 27 17.90 6.67 -2.68
CA GLY A 27 19.01 5.75 -2.65
C GLY A 27 19.33 5.13 -3.97
N ALA A 28 18.28 4.80 -4.67
CA ALA A 28 18.35 4.25 -6.01
C ALA A 28 19.39 4.94 -6.87
N VAL A 29 19.54 6.23 -6.61
CA VAL A 29 20.45 7.10 -7.34
C VAL A 29 21.81 6.95 -6.72
N ARG A 30 21.83 7.12 -5.40
CA ARG A 30 22.97 6.76 -4.60
C ARG A 30 23.54 5.40 -5.04
N ASP A 31 22.81 4.31 -4.78
CA ASP A 31 23.26 2.96 -5.17
C ASP A 31 23.79 2.93 -6.60
N LEU A 32 23.09 3.59 -7.49
CA LEU A 32 23.52 3.62 -8.87
C LEU A 32 24.86 4.31 -8.91
N LEU A 33 24.93 5.48 -8.31
CA LEU A 33 26.17 6.19 -8.31
C LEU A 33 27.20 5.35 -7.55
N LEU A 34 27.06 5.24 -6.25
CA LEU A 34 27.91 4.39 -5.44
C LEU A 34 28.33 3.16 -6.21
N GLY A 35 27.44 2.59 -7.00
CA GLY A 35 27.71 1.36 -7.71
C GLY A 35 27.33 0.15 -6.87
N ARG A 36 26.26 0.28 -6.08
CA ARG A 36 25.63 -0.84 -5.36
C ARG A 36 24.54 -1.46 -6.20
N PRO A 37 24.13 -2.66 -5.83
CA PRO A 37 22.88 -3.21 -6.31
C PRO A 37 21.77 -2.19 -6.02
N ILE A 38 20.96 -1.93 -7.04
CA ILE A 38 19.96 -0.90 -6.95
C ILE A 38 18.68 -1.42 -6.26
N GLY A 39 18.36 -0.73 -5.15
CA GLY A 39 17.23 -1.05 -4.30
C GLY A 39 15.88 -0.65 -4.89
N ASP A 40 15.06 -0.06 -4.04
CA ASP A 40 13.74 0.40 -4.42
C ASP A 40 13.99 1.57 -5.34
N VAL A 41 13.38 1.56 -6.51
CA VAL A 41 13.38 2.79 -7.31
C VAL A 41 12.29 3.69 -6.75
N ASP A 42 12.67 4.91 -6.42
CA ASP A 42 11.70 5.86 -5.89
C ASP A 42 11.50 7.05 -6.87
N ILE A 43 10.27 7.59 -6.99
CA ILE A 43 10.01 8.73 -7.92
C ILE A 43 9.30 9.93 -7.29
N ALA A 44 9.88 11.13 -7.43
CA ALA A 44 9.23 12.32 -6.88
C ALA A 44 8.80 13.31 -7.93
N THR A 45 7.61 13.88 -7.74
CA THR A 45 6.93 14.68 -8.78
C THR A 45 6.23 15.92 -8.20
N SER A 46 5.84 16.85 -9.06
CA SER A 46 5.08 18.00 -8.63
C SER A 46 3.59 17.68 -8.61
N ALA A 47 3.22 16.53 -9.21
CA ALA A 47 1.82 16.06 -9.31
C ALA A 47 1.29 15.52 -8.01
N LEU A 48 0.18 16.07 -7.55
CA LEU A 48 -0.40 15.74 -6.25
C LEU A 48 -0.86 14.29 -6.22
N PRO A 49 -0.97 13.68 -5.04
CA PRO A 49 -1.40 12.29 -4.94
C PRO A 49 -2.59 12.02 -5.87
N GLU A 50 -3.57 12.92 -5.87
CA GLU A 50 -4.82 12.78 -6.63
C GLU A 50 -4.56 12.73 -8.12
N ASP A 51 -3.63 13.54 -8.58
CA ASP A 51 -3.24 13.55 -9.99
C ASP A 51 -2.56 12.23 -10.40
N VAL A 52 -1.77 11.66 -9.49
CA VAL A 52 -1.09 10.36 -9.71
C VAL A 52 -2.10 9.17 -9.69
N MET A 53 -3.16 9.29 -8.88
CA MET A 53 -4.21 8.28 -8.79
C MET A 53 -5.17 8.34 -9.98
N ALA A 54 -5.15 9.46 -10.69
CA ALA A 54 -5.93 9.62 -11.90
C ALA A 54 -5.17 9.05 -13.12
N ILE A 55 -3.86 9.28 -13.17
CA ILE A 55 -3.03 8.95 -14.34
C ILE A 55 -2.77 7.46 -14.51
N PHE A 56 -2.41 6.81 -13.41
CA PHE A 56 -2.08 5.38 -13.41
C PHE A 56 -3.28 4.52 -12.99
N PRO A 57 -3.49 3.39 -13.66
CA PRO A 57 -4.59 2.49 -13.30
C PRO A 57 -4.47 2.01 -11.84
N LYS A 58 -3.53 1.12 -11.52
CA LYS A 58 -3.37 0.67 -10.13
C LYS A 58 -2.66 1.70 -9.26
N THR A 59 -3.34 2.09 -8.19
CA THR A 59 -2.87 3.13 -7.30
C THR A 59 -3.15 2.78 -5.86
N ILE A 60 -2.10 2.50 -5.10
CA ILE A 60 -2.29 2.17 -3.71
C ILE A 60 -2.08 3.37 -2.79
N ASP A 61 -3.11 3.69 -2.01
CA ASP A 61 -3.09 4.85 -1.12
C ASP A 61 -2.54 4.51 0.26
N VAL A 62 -1.22 4.61 0.37
CA VAL A 62 -0.52 4.25 1.58
C VAL A 62 -0.64 5.36 2.61
N GLY A 63 -0.55 6.59 2.13
CA GLY A 63 -0.55 7.77 2.96
C GLY A 63 -0.50 9.00 2.07
N SER A 64 -1.59 9.23 1.35
CA SER A 64 -1.76 10.42 0.54
C SER A 64 -1.89 11.68 1.41
N LYS A 65 -1.90 11.46 2.73
CA LYS A 65 -1.92 12.54 3.72
C LYS A 65 -0.54 13.25 3.89
N HIS A 66 0.55 12.61 3.47
CA HIS A 66 1.91 13.18 3.59
C HIS A 66 2.74 13.08 2.29
N GLY A 67 2.05 12.88 1.17
CA GLY A 67 2.66 13.01 -0.14
C GLY A 67 2.77 11.76 -0.98
N THR A 68 3.12 10.65 -0.34
CA THR A 68 3.42 9.41 -1.06
C THR A 68 2.22 8.65 -1.57
N VAL A 69 2.40 8.05 -2.74
CA VAL A 69 1.43 7.14 -3.36
C VAL A 69 2.27 6.02 -3.95
N VAL A 70 1.83 4.79 -3.78
CA VAL A 70 2.51 3.67 -4.40
C VAL A 70 1.81 3.42 -5.74
N VAL A 71 2.60 3.43 -6.81
CA VAL A 71 2.11 3.25 -8.20
C VAL A 71 2.55 1.89 -8.75
N VAL A 72 1.59 0.99 -8.87
CA VAL A 72 1.91 -0.29 -9.50
C VAL A 72 2.08 -0.13 -11.02
N HIS A 73 3.33 -0.27 -11.46
CA HIS A 73 3.72 -0.08 -12.85
C HIS A 73 4.41 -1.27 -13.46
N LYS A 74 3.84 -1.78 -14.54
CA LYS A 74 4.43 -2.86 -15.34
C LYS A 74 4.83 -4.07 -14.52
N GLY A 75 4.23 -4.22 -13.36
CA GLY A 75 4.47 -5.39 -12.53
C GLY A 75 5.44 -5.20 -11.37
N LYS A 76 5.63 -3.94 -10.93
CA LYS A 76 6.38 -3.61 -9.70
C LYS A 76 5.64 -2.56 -8.90
N ALA A 77 6.21 -2.21 -7.75
CA ALA A 77 5.66 -1.18 -6.87
C ALA A 77 6.60 0.03 -6.69
N TYR A 78 6.29 1.18 -7.28
CA TYR A 78 7.16 2.32 -7.09
C TYR A 78 6.49 3.41 -6.26
N GLU A 79 7.26 4.09 -5.41
CA GLU A 79 6.77 5.13 -4.50
C GLU A 79 6.94 6.55 -5.02
N VAL A 80 5.86 7.11 -5.61
CA VAL A 80 5.84 8.49 -6.13
C VAL A 80 5.46 9.53 -5.09
N THR A 81 6.36 10.48 -4.84
CA THR A 81 6.13 11.49 -3.80
C THR A 81 6.07 12.93 -4.28
N THR A 82 4.90 13.56 -4.08
CA THR A 82 4.69 14.95 -4.46
C THR A 82 5.55 15.81 -3.61
N PHE A 83 6.39 16.62 -4.27
CA PHE A 83 7.40 17.44 -3.61
C PHE A 83 6.84 18.13 -2.39
N LYS A 84 7.65 18.31 -1.35
CA LYS A 84 7.12 18.85 -0.11
C LYS A 84 8.15 19.57 0.71
N THR A 85 7.67 20.25 1.75
CA THR A 85 8.51 20.96 2.72
C THR A 85 8.16 20.50 4.15
N ASP A 86 9.06 19.70 4.73
CA ASP A 86 8.89 19.18 6.10
C ASP A 86 8.82 20.33 7.12
N GLY A 87 7.59 20.78 7.41
CA GLY A 87 7.34 21.87 8.34
C GLY A 87 7.66 21.58 9.80
N SER A 97 1.70 19.20 10.04
CA SER A 97 1.16 19.14 8.69
C SER A 97 2.26 19.22 7.63
N VAL A 98 1.94 18.75 6.42
CA VAL A 98 2.86 18.77 5.28
C VAL A 98 2.46 19.82 4.23
N THR A 99 3.45 20.50 3.64
CA THR A 99 3.22 21.48 2.56
C THR A 99 3.87 21.03 1.22
N PHE A 100 3.04 20.87 0.18
CA PHE A 100 3.45 20.43 -1.18
C PHE A 100 3.88 21.60 -2.09
N VAL A 101 5.04 21.49 -2.70
CA VAL A 101 5.52 22.56 -3.59
C VAL A 101 5.59 22.12 -5.06
N ARG A 102 6.31 22.89 -5.87
CA ARG A 102 6.62 22.53 -7.25
C ARG A 102 8.14 22.51 -7.41
N SER A 103 8.83 22.92 -6.35
CA SER A 103 10.28 23.02 -6.36
C SER A 103 10.90 21.69 -5.96
N LEU A 104 11.52 21.01 -6.92
CA LEU A 104 12.25 19.77 -6.65
C LEU A 104 13.38 20.10 -5.69
N GLU A 105 14.02 21.22 -5.93
CA GLU A 105 15.05 21.71 -5.05
C GLU A 105 14.56 21.89 -3.61
N GLU A 106 13.28 22.24 -3.44
CA GLU A 106 12.73 22.33 -2.07
C GLU A 106 12.61 20.95 -1.45
N ASP A 107 12.35 19.96 -2.30
CA ASP A 107 12.18 18.58 -1.86
C ASP A 107 13.50 17.94 -1.44
N LEU A 108 14.46 17.93 -2.34
CA LEU A 108 15.78 17.46 -2.00
C LEU A 108 16.23 18.12 -0.71
N LYS A 109 16.01 19.43 -0.59
CA LYS A 109 16.42 20.20 0.57
C LYS A 109 15.93 19.65 1.90
N ARG A 110 14.87 18.86 1.89
CA ARG A 110 14.30 18.36 3.14
C ARG A 110 14.86 17.02 3.65
N ARG A 111 15.53 16.27 2.75
CA ARG A 111 15.96 14.88 3.06
C ARG A 111 17.11 14.81 4.09
N ASP A 112 17.26 13.63 4.72
CA ASP A 112 18.19 13.44 5.83
C ASP A 112 19.62 13.85 5.51
N PHE A 113 20.21 13.21 4.51
CA PHE A 113 21.64 13.37 4.22
C PHE A 113 21.85 13.45 2.74
N THR A 114 23.03 13.90 2.39
CA THR A 114 23.34 14.33 1.04
C THR A 114 23.33 13.24 0.01
N MET A 115 23.82 12.06 0.38
CA MET A 115 23.83 10.86 -0.49
C MET A 115 22.43 10.50 -0.99
N ASN A 116 21.48 10.83 -0.12
CA ASN A 116 20.07 10.68 -0.36
C ASN A 116 19.44 11.84 -1.13
N ALA A 117 20.10 12.99 -1.12
CA ALA A 117 19.45 14.15 -1.67
C ALA A 117 19.84 14.39 -3.12
N ILE A 118 20.04 13.32 -3.87
CA ILE A 118 20.26 13.47 -5.31
C ILE A 118 19.00 13.22 -6.08
N ALA A 119 19.07 13.41 -7.39
CA ALA A 119 17.95 13.21 -8.32
C ALA A 119 18.50 13.11 -9.74
N MET A 120 17.91 12.22 -10.52
CA MET A 120 18.27 12.04 -11.93
C MET A 120 17.01 12.18 -12.83
N ASP A 121 17.17 12.87 -13.96
CA ASP A 121 16.07 13.19 -14.87
C ASP A 121 15.79 12.13 -15.94
N GLU A 122 14.58 12.15 -16.50
CA GLU A 122 14.14 11.10 -17.39
C GLU A 122 15.16 10.74 -18.46
N TYR A 123 16.22 11.54 -18.52
CA TYR A 123 17.22 11.47 -19.60
C TYR A 123 18.48 10.87 -19.11
N GLY A 124 18.76 11.07 -17.83
CA GLY A 124 19.95 10.53 -17.21
C GLY A 124 20.98 11.53 -16.73
N THR A 125 20.52 12.75 -16.49
CA THR A 125 21.37 13.84 -16.07
C THR A 125 21.25 14.01 -14.59
N ILE A 126 22.34 13.81 -13.88
CA ILE A 126 22.33 13.83 -12.41
C ILE A 126 22.12 15.23 -11.87
N ILE A 127 21.09 15.39 -11.05
CA ILE A 127 20.77 16.67 -10.47
C ILE A 127 21.23 16.67 -9.02
N ASP A 128 22.41 17.26 -8.76
CA ASP A 128 22.94 17.28 -7.40
C ASP A 128 23.16 18.69 -6.90
N PRO A 129 22.14 19.26 -6.29
CA PRO A 129 22.28 20.57 -5.67
C PRO A 129 22.75 20.45 -4.21
N PHE A 130 23.26 19.29 -3.77
CA PHE A 130 23.72 19.26 -2.40
C PHE A 130 25.00 18.55 -2.08
N GLY A 131 25.76 18.20 -3.13
CA GLY A 131 27.06 17.58 -2.97
C GLY A 131 26.98 16.12 -2.58
N GLY A 132 25.84 15.51 -2.89
CA GLY A 132 25.66 14.09 -2.74
C GLY A 132 26.79 13.48 -3.53
N ARG A 133 26.90 13.89 -4.79
CA ARG A 133 27.93 13.32 -5.63
C ARG A 133 29.28 13.33 -4.94
N GLU A 134 29.65 14.46 -4.31
CA GLU A 134 30.89 14.49 -3.54
C GLU A 134 30.86 13.49 -2.41
N ALA A 135 29.85 13.58 -1.55
CA ALA A 135 29.74 12.68 -0.42
C ALA A 135 30.05 11.24 -0.79
N ILE A 136 29.57 10.80 -1.94
CA ILE A 136 29.66 9.39 -2.32
C ILE A 136 31.09 8.97 -2.68
N ARG A 137 31.73 9.79 -3.53
CA ARG A 137 33.13 9.57 -3.91
C ARG A 137 33.99 9.45 -2.63
N ARG A 138 33.78 10.39 -1.72
CA ARG A 138 34.45 10.43 -0.43
C ARG A 138 33.87 9.40 0.53
N ARG A 139 32.66 8.91 0.22
CA ARG A 139 32.05 7.93 1.11
C ARG A 139 31.85 8.54 2.50
N ILE A 140 30.97 9.55 2.57
CA ILE A 140 30.66 10.21 3.83
C ILE A 140 29.19 10.54 3.99
N ILE A 141 28.64 10.09 5.11
CA ILE A 141 27.30 10.45 5.52
C ILE A 141 27.23 11.88 6.11
N ARG A 142 26.87 12.88 5.34
CA ARG A 142 26.75 14.19 5.94
C ARG A 142 25.34 14.72 5.88
N THR A 143 25.00 15.55 6.87
CA THR A 143 23.69 16.19 6.97
C THR A 143 23.37 17.20 5.85
N VAL A 144 22.10 17.23 5.41
CA VAL A 144 21.68 18.28 4.47
C VAL A 144 21.27 19.56 5.17
N GLY A 145 22.25 20.43 5.38
CA GLY A 145 22.06 21.59 6.22
C GLY A 145 22.65 21.29 7.58
N GLU A 146 22.28 22.10 8.57
CA GLU A 146 22.83 21.95 9.91
C GLU A 146 22.42 20.61 10.50
N ALA A 147 23.42 19.79 10.83
CA ALA A 147 23.22 18.49 11.48
C ALA A 147 22.39 18.63 12.76
N GLU A 148 22.61 19.76 13.43
CA GLU A 148 21.88 20.08 14.64
C GLU A 148 20.41 20.21 14.32
N LYS A 149 20.05 21.16 13.46
CA LYS A 149 18.63 21.43 13.17
C LYS A 149 17.86 20.21 12.67
N ARG A 150 18.51 19.42 11.82
CA ARG A 150 17.88 18.24 11.24
C ARG A 150 17.52 17.14 12.25
N PHE A 151 18.39 16.90 13.23
CA PHE A 151 18.11 15.96 14.33
C PHE A 151 17.04 16.49 15.25
N ARG A 152 16.84 17.81 15.22
CA ARG A 152 15.75 18.43 15.96
C ARG A 152 14.47 18.25 15.13
N GLU A 153 14.64 18.18 13.81
CA GLU A 153 13.52 17.97 12.88
C GLU A 153 12.99 16.52 12.84
N ASP A 154 13.82 15.57 13.28
CA ASP A 154 13.42 14.16 13.39
C ASP A 154 14.52 13.34 14.04
N ALA A 155 14.45 13.22 15.35
CA ALA A 155 15.52 12.60 16.12
C ALA A 155 16.00 11.28 15.52
N LEU A 156 15.06 10.47 15.05
CA LEU A 156 15.43 9.18 14.52
C LEU A 156 16.56 9.29 13.48
N ARG A 157 16.64 10.44 12.82
CA ARG A 157 17.63 10.62 11.77
C ARG A 157 19.01 10.20 12.22
N MET A 158 19.20 10.06 13.52
CA MET A 158 20.50 9.72 14.06
C MET A 158 20.78 8.22 13.97
N MET A 159 19.95 7.43 14.64
CA MET A 159 20.02 5.97 14.53
C MET A 159 20.49 5.58 13.12
N ARG A 160 19.86 6.18 12.11
CA ARG A 160 20.04 5.75 10.74
C ARG A 160 21.34 6.25 10.16
N ALA A 161 21.73 7.46 10.51
CA ALA A 161 23.07 7.93 10.16
C ALA A 161 24.08 6.84 10.54
N VAL A 162 23.84 6.19 11.67
CA VAL A 162 24.68 5.10 12.17
C VAL A 162 24.38 3.77 11.49
N ARG A 163 23.12 3.50 11.18
CA ARG A 163 22.80 2.30 10.39
C ARG A 163 23.44 2.42 8.97
N PHE A 164 23.35 3.60 8.39
CA PHE A 164 23.92 3.76 7.10
C PHE A 164 25.37 3.34 7.17
N VAL A 165 26.03 3.71 8.26
CA VAL A 165 27.42 3.32 8.49
C VAL A 165 27.53 1.80 8.46
N SER A 166 26.50 1.13 8.94
CA SER A 166 26.47 -0.32 8.91
C SER A 166 26.22 -0.83 7.49
N GLU A 167 25.34 -0.15 6.76
CA GLU A 167 24.81 -0.66 5.51
C GLU A 167 25.71 -0.40 4.28
N LEU A 168 26.40 0.72 4.29
CA LEU A 168 27.18 1.12 3.13
C LEU A 168 28.67 1.07 3.44
N GLY A 169 29.05 1.45 4.67
CA GLY A 169 30.45 1.50 5.06
C GLY A 169 31.03 2.88 4.81
N PHE A 170 30.23 3.89 5.14
CA PHE A 170 30.69 5.26 4.97
C PHE A 170 31.16 5.65 6.34
N ALA A 171 31.78 6.81 6.44
CA ALA A 171 32.10 7.34 7.73
C ALA A 171 31.19 8.50 7.94
N LEU A 172 31.03 8.89 9.18
CA LEU A 172 30.21 10.03 9.51
C LEU A 172 31.02 11.29 9.35
N ALA A 173 30.32 12.38 9.05
CA ALA A 173 30.96 13.66 8.94
C ALA A 173 31.26 14.23 10.34
N PRO A 174 32.48 14.74 10.54
CA PRO A 174 32.92 15.29 11.82
C PRO A 174 31.85 16.13 12.51
N ASP A 175 31.35 17.16 11.83
CA ASP A 175 30.31 18.02 12.39
C ASP A 175 28.98 17.27 12.60
N THR A 176 28.76 16.25 11.78
CA THR A 176 27.54 15.45 11.85
C THR A 176 27.62 14.50 13.03
N GLU A 177 28.69 13.72 13.11
CA GLU A 177 28.90 12.82 14.24
C GLU A 177 28.79 13.57 15.55
N GLN A 178 29.53 14.68 15.66
CA GLN A 178 29.47 15.52 16.84
C GLN A 178 28.00 15.77 17.18
N ALA A 179 27.29 16.39 16.25
CA ALA A 179 25.90 16.75 16.47
C ALA A 179 25.10 15.62 17.13
N ILE A 180 25.48 14.37 16.85
CA ILE A 180 24.75 13.23 17.39
C ILE A 180 24.94 13.11 18.88
N VAL A 181 26.19 13.16 19.32
CA VAL A 181 26.51 13.03 20.74
C VAL A 181 25.85 14.17 21.50
N GLN A 182 25.88 15.37 20.91
CA GLN A 182 25.29 16.57 21.52
C GLN A 182 23.77 16.50 21.60
N ASN A 183 23.13 15.92 20.59
CA ASN A 183 21.67 15.84 20.57
C ASN A 183 21.12 14.46 20.86
N ALA A 184 21.98 13.59 21.37
CA ALA A 184 21.64 12.22 21.72
C ALA A 184 20.29 12.03 22.40
N PRO A 185 19.96 12.82 23.41
CA PRO A 185 18.74 12.60 24.20
C PRO A 185 17.47 12.44 23.36
N LEU A 186 17.37 13.20 22.27
CA LEU A 186 16.12 13.38 21.52
C LEU A 186 15.46 12.07 21.07
N LEU A 187 16.21 10.98 21.15
CA LEU A 187 15.72 9.64 20.77
C LEU A 187 14.55 9.10 21.59
N ALA A 188 14.61 9.26 22.92
CA ALA A 188 13.57 8.77 23.81
C ALA A 188 12.17 9.26 23.40
N HIS A 189 12.14 10.29 22.56
CA HIS A 189 10.90 10.84 21.99
C HIS A 189 10.37 10.08 20.75
N ILE A 190 11.21 9.23 20.17
CA ILE A 190 10.83 8.52 18.97
C ILE A 190 10.40 7.13 19.35
N SER A 191 9.19 6.77 18.93
CA SER A 191 8.62 5.45 19.21
C SER A 191 9.61 4.28 19.03
N VAL A 192 9.58 3.35 20.00
CA VAL A 192 10.39 2.13 19.99
C VAL A 192 10.27 1.43 18.65
N GLU A 193 9.03 1.18 18.25
CA GLU A 193 8.73 0.52 16.99
C GLU A 193 9.70 1.00 15.95
N ARG A 194 9.81 2.32 15.87
CA ARG A 194 10.59 2.96 14.84
C ARG A 194 12.06 2.73 15.09
N MET A 195 12.47 2.65 16.34
CA MET A 195 13.88 2.38 16.65
C MET A 195 14.24 0.96 16.23
N THR A 196 13.32 0.03 16.43
CA THR A 196 13.62 -1.38 16.22
C THR A 196 14.00 -1.69 14.79
N MET A 197 13.16 -1.24 13.85
CA MET A 197 13.34 -1.47 12.43
C MET A 197 14.69 -0.95 12.01
N GLU A 198 15.09 0.16 12.62
CA GLU A 198 16.41 0.68 12.33
C GLU A 198 17.46 -0.23 12.90
N MET A 199 17.35 -0.60 14.18
CA MET A 199 18.32 -1.51 14.75
C MET A 199 18.47 -2.77 13.88
N GLU A 200 17.33 -3.24 13.40
CA GLU A 200 17.21 -4.50 12.68
C GLU A 200 17.77 -4.44 11.27
N LYS A 201 18.14 -3.25 10.81
CA LYS A 201 18.82 -3.15 9.53
C LYS A 201 20.32 -2.96 9.79
N LEU A 202 20.61 -2.02 10.69
CA LEU A 202 21.95 -1.87 11.24
C LEU A 202 22.55 -3.25 11.47
N LEU A 203 21.93 -4.04 12.35
CA LEU A 203 22.36 -5.44 12.58
C LEU A 203 22.70 -6.30 11.32
N GLY A 204 22.05 -6.05 10.19
CA GLY A 204 22.25 -6.88 9.02
C GLY A 204 23.22 -6.20 8.08
N GLY A 205 23.79 -5.12 8.57
CA GLY A 205 24.83 -4.46 7.83
C GLY A 205 25.96 -5.39 7.44
N PRO A 206 26.58 -5.11 6.33
CA PRO A 206 27.88 -5.68 6.04
C PRO A 206 28.92 -4.91 6.81
N PHE A 207 28.59 -3.76 7.39
CA PHE A 207 29.59 -3.09 8.24
C PHE A 207 29.22 -3.03 9.73
N ALA A 208 28.19 -3.79 10.05
CA ALA A 208 27.66 -3.87 11.38
C ALA A 208 28.77 -3.73 12.40
N ALA A 209 29.87 -4.41 12.10
CA ALA A 209 30.94 -4.52 13.07
C ALA A 209 31.37 -3.18 13.70
N ARG A 210 31.36 -2.12 12.91
CA ARG A 210 31.79 -0.81 13.40
C ARG A 210 30.59 0.14 13.48
N ALA A 211 29.40 -0.43 13.35
CA ALA A 211 28.19 0.35 13.46
C ALA A 211 27.85 0.31 14.90
N LEU A 212 27.84 -0.90 15.43
CA LEU A 212 27.52 -1.09 16.81
C LEU A 212 28.44 -0.27 17.71
N PRO A 213 29.75 -0.45 17.61
CA PRO A 213 30.67 0.35 18.42
C PRO A 213 30.28 1.82 18.39
N LEU A 214 30.23 2.36 17.17
CA LEU A 214 29.80 3.71 16.90
C LEU A 214 28.50 4.06 17.63
N LEU A 215 27.55 3.14 17.57
CA LEU A 215 26.32 3.31 18.29
C LEU A 215 26.64 3.72 19.72
N ALA A 216 27.84 3.34 20.18
CA ALA A 216 28.22 3.66 21.54
C ALA A 216 28.99 4.97 21.62
N GLU A 217 30.07 5.11 20.85
CA GLU A 217 30.90 6.32 20.89
C GLU A 217 30.05 7.55 20.69
N THR A 218 28.93 7.36 20.02
CA THR A 218 27.92 8.39 19.88
C THR A 218 27.04 8.33 21.08
N GLY A 219 26.36 9.44 21.36
CA GLY A 219 25.44 9.47 22.47
C GLY A 219 24.35 8.42 22.36
N LEU A 220 24.20 7.78 21.19
CA LEU A 220 23.01 6.95 20.89
C LEU A 220 22.76 5.79 21.82
N ASN A 221 23.83 5.22 22.37
CA ASN A 221 23.70 4.20 23.38
C ASN A 221 23.02 4.78 24.62
N ALA A 222 22.26 3.97 25.33
CA ALA A 222 21.54 4.37 26.56
C ALA A 222 20.34 5.27 26.30
N TYR A 223 19.83 5.20 25.07
CA TYR A 223 18.50 5.71 24.67
C TYR A 223 17.71 4.64 23.93
N LEU A 224 18.41 3.56 23.55
CA LEU A 224 17.82 2.42 22.86
C LEU A 224 17.49 1.33 23.86
N PRO A 225 16.41 0.58 23.61
CA PRO A 225 15.93 -0.47 24.53
C PRO A 225 17.00 -1.43 25.06
N GLY A 226 17.24 -1.36 26.38
CA GLY A 226 18.15 -2.25 27.08
C GLY A 226 19.61 -2.02 26.78
N LEU A 227 19.91 -0.89 26.16
CA LEU A 227 21.27 -0.63 25.78
C LEU A 227 21.90 0.37 26.71
N ALA A 228 21.41 0.41 27.94
CA ALA A 228 21.97 1.29 28.95
C ALA A 228 23.33 0.77 29.37
N GLY A 229 24.34 1.63 29.28
CA GLY A 229 25.67 1.39 29.85
C GLY A 229 26.44 0.14 29.44
N LYS A 230 26.05 -0.49 28.33
CA LYS A 230 26.74 -1.68 27.81
C LYS A 230 27.90 -1.26 26.93
N GLU A 231 28.34 -0.02 27.07
CA GLU A 231 29.38 0.58 26.21
C GLU A 231 30.48 -0.40 25.85
N LYS A 232 31.09 -0.99 26.89
CA LYS A 232 32.16 -1.97 26.73
C LYS A 232 31.73 -3.09 25.79
N GLN A 233 30.57 -3.68 26.08
CA GLN A 233 30.01 -4.81 25.34
C GLN A 233 29.90 -4.51 23.85
N LEU A 234 29.45 -3.31 23.52
CA LEU A 234 29.22 -2.88 22.14
C LEU A 234 30.50 -2.73 21.40
N ARG A 235 31.44 -1.99 21.98
CA ARG A 235 32.72 -1.77 21.33
C ARG A 235 33.34 -3.12 21.01
N LEU A 236 33.35 -4.01 22.00
CA LEU A 236 33.88 -5.36 21.83
C LEU A 236 33.19 -6.08 20.69
N ALA A 237 31.89 -5.80 20.52
CA ALA A 237 31.03 -6.47 19.53
C ALA A 237 31.69 -6.49 18.16
N ALA A 238 32.67 -5.62 17.99
CA ALA A 238 33.40 -5.55 16.75
C ALA A 238 33.90 -6.89 16.17
N ALA A 239 34.33 -7.83 17.01
CA ALA A 239 35.04 -9.01 16.47
C ALA A 239 34.08 -10.07 15.92
N TYR A 240 32.81 -9.87 16.19
CA TYR A 240 31.82 -10.87 15.82
C TYR A 240 31.58 -10.92 14.34
N ARG A 241 31.57 -12.11 13.77
CA ARG A 241 31.37 -12.28 12.34
C ARG A 241 29.95 -11.95 11.83
N TRP A 242 29.34 -10.89 12.39
CA TRP A 242 27.93 -10.53 12.14
C TRP A 242 27.38 -10.93 10.79
N PRO A 243 27.87 -10.35 9.74
CA PRO A 243 27.41 -10.70 8.39
C PRO A 243 27.27 -12.17 7.98
N TRP A 244 27.69 -13.18 8.74
CA TRP A 244 27.25 -14.54 8.35
C TRP A 244 25.94 -15.00 9.04
N LEU A 245 25.47 -14.18 9.97
CA LEU A 245 24.14 -14.35 10.48
C LEU A 245 23.24 -14.14 9.27
N ALA A 246 22.38 -15.14 9.04
CA ALA A 246 21.43 -15.20 7.90
C ALA A 246 20.08 -14.58 8.27
N ALA A 247 19.70 -14.79 9.53
CA ALA A 247 18.37 -14.46 10.00
C ALA A 247 18.26 -13.59 11.27
N ARG A 248 17.10 -12.94 11.33
CA ARG A 248 16.65 -11.99 12.36
C ARG A 248 16.89 -12.51 13.73
N GLU A 249 16.32 -13.68 14.02
CA GLU A 249 16.64 -14.42 15.22
C GLU A 249 18.15 -14.48 15.43
N GLU A 250 18.89 -15.14 14.50
CA GLU A 250 20.36 -15.32 14.56
C GLU A 250 21.04 -14.02 14.82
N ARG A 251 20.49 -12.97 14.22
CA ARG A 251 20.89 -11.61 14.51
C ARG A 251 20.69 -11.33 16.01
N TRP A 252 19.44 -11.07 16.41
CA TRP A 252 19.13 -10.73 17.78
C TRP A 252 19.88 -11.65 18.70
N ALA A 253 20.00 -12.90 18.24
CA ALA A 253 20.67 -13.95 18.99
C ALA A 253 22.03 -13.51 19.46
N LEU A 254 22.93 -13.33 18.49
CA LEU A 254 24.29 -12.93 18.79
C LEU A 254 24.37 -11.55 19.48
N LEU A 255 23.47 -10.63 19.07
CA LEU A 255 23.36 -9.29 19.70
C LEU A 255 23.19 -9.38 21.21
N CYS A 256 22.26 -10.23 21.63
CA CYS A 256 22.15 -10.56 23.01
C CYS A 256 23.52 -11.05 23.52
N HIS A 257 23.94 -12.23 23.06
CA HIS A 257 25.15 -12.92 23.54
C HIS A 257 26.30 -11.95 23.80
N ALA A 258 26.58 -11.12 22.81
CA ALA A 258 27.69 -10.22 22.88
C ALA A 258 27.43 -9.01 23.78
N LEU A 259 26.18 -8.83 24.16
CA LEU A 259 25.88 -7.90 25.23
C LEU A 259 25.98 -8.67 26.53
N GLY A 260 25.98 -10.00 26.42
CA GLY A 260 26.00 -10.89 27.56
C GLY A 260 24.63 -10.95 28.22
N VAL A 261 23.64 -10.38 27.54
CA VAL A 261 22.29 -10.20 28.08
C VAL A 261 21.82 -11.41 28.86
N GLN A 262 21.38 -11.17 30.10
CA GLN A 262 20.94 -12.23 31.01
C GLN A 262 19.68 -12.93 30.49
N GLU A 263 18.52 -12.33 30.76
CA GLU A 263 17.26 -12.90 30.32
C GLU A 263 16.86 -12.29 28.98
N SER A 264 16.89 -13.11 27.93
CA SER A 264 16.62 -12.65 26.57
C SER A 264 15.23 -12.06 26.41
N ARG A 265 14.28 -12.67 27.10
CA ARG A 265 12.84 -12.37 26.98
C ARG A 265 12.42 -10.92 27.28
N PRO A 266 12.78 -10.37 28.44
CA PRO A 266 12.43 -8.98 28.76
C PRO A 266 13.14 -8.02 27.82
N PHE A 267 14.37 -8.38 27.45
CA PHE A 267 15.19 -7.56 26.57
C PHE A 267 14.57 -7.39 25.18
N LEU A 268 14.55 -8.46 24.39
CA LEU A 268 13.97 -8.46 23.04
C LEU A 268 12.52 -7.94 22.96
N ARG A 269 11.81 -8.04 24.09
CA ARG A 269 10.43 -7.57 24.17
C ARG A 269 10.35 -6.06 24.27
N ALA A 270 11.34 -5.47 24.91
CA ALA A 270 11.47 -4.02 25.00
C ALA A 270 11.56 -3.43 23.61
N TRP A 271 12.18 -4.20 22.73
CA TRP A 271 12.37 -3.80 21.35
C TRP A 271 11.08 -3.97 20.57
N LYS A 272 10.01 -4.36 21.25
CA LYS A 272 8.71 -4.50 20.60
C LYS A 272 8.78 -5.38 19.36
N LEU A 273 9.61 -6.41 19.48
CA LEU A 273 9.78 -7.42 18.45
C LEU A 273 8.61 -8.41 18.56
N PRO A 274 8.14 -8.96 17.44
CA PRO A 274 7.07 -9.97 17.48
C PRO A 274 7.48 -11.16 18.33
N ASN A 275 6.49 -11.85 18.89
CA ASN A 275 6.80 -12.98 19.75
C ASN A 275 7.66 -13.97 19.03
N LYS A 276 7.15 -14.45 17.89
CA LYS A 276 7.76 -15.55 17.17
C LYS A 276 9.24 -15.39 17.01
N VAL A 277 9.76 -14.19 17.23
CA VAL A 277 11.18 -13.92 17.11
C VAL A 277 11.78 -14.03 18.48
N VAL A 278 11.23 -13.25 19.40
CA VAL A 278 11.63 -13.24 20.79
C VAL A 278 11.58 -14.62 21.44
N ASP A 279 10.66 -15.47 20.97
CA ASP A 279 10.64 -16.88 21.33
C ASP A 279 11.84 -17.66 20.70
N GLU A 280 11.85 -17.78 19.37
CA GLU A 280 12.99 -18.41 18.67
C GLU A 280 14.33 -17.72 18.96
N ALA A 281 14.26 -16.47 19.38
CA ALA A 281 15.43 -15.75 19.79
C ALA A 281 16.05 -16.52 20.93
N GLY A 282 15.43 -16.43 22.10
CA GLY A 282 15.94 -17.13 23.28
C GLY A 282 16.17 -18.63 23.06
N ALA A 283 15.29 -19.24 22.24
CA ALA A 283 15.37 -20.63 21.83
C ALA A 283 16.84 -20.96 21.57
N ILE A 284 17.42 -20.20 20.62
CA ILE A 284 18.80 -20.35 20.19
C ILE A 284 19.78 -19.84 21.21
N LEU A 285 19.57 -18.63 21.69
CA LEU A 285 20.38 -18.18 22.80
C LEU A 285 20.62 -19.32 23.81
N THR A 286 19.54 -20.09 24.10
CA THR A 286 19.61 -21.21 25.03
C THR A 286 20.43 -22.38 24.52
N ALA A 287 19.94 -23.02 23.47
CA ALA A 287 20.62 -24.19 22.90
C ALA A 287 22.11 -23.95 22.81
N LEU A 288 22.45 -22.67 22.66
CA LEU A 288 23.83 -22.21 22.61
C LEU A 288 24.55 -22.34 23.96
N ALA A 289 23.92 -21.85 25.02
CA ALA A 289 24.50 -22.02 26.36
C ALA A 289 24.58 -23.51 26.72
N ASP A 290 23.54 -24.27 26.38
CA ASP A 290 23.47 -25.67 26.79
C ASP A 290 24.45 -26.52 26.01
N ILE A 291 24.61 -26.24 24.73
CA ILE A 291 25.64 -26.97 24.01
C ILE A 291 26.84 -26.09 23.77
N PRO A 292 27.95 -26.34 24.47
CA PRO A 292 29.14 -25.49 24.36
C PRO A 292 30.01 -25.91 23.23
N ARG A 293 29.73 -27.08 22.66
CA ARG A 293 30.52 -27.63 21.57
C ARG A 293 29.62 -28.26 20.50
N PRO A 294 29.92 -27.99 19.23
CA PRO A 294 29.24 -28.61 18.07
C PRO A 294 29.24 -30.16 17.97
N GLU A 295 30.23 -30.81 18.56
CA GLU A 295 30.27 -32.27 18.53
C GLU A 295 29.31 -32.79 19.59
N ALA A 296 28.88 -31.89 20.47
CA ALA A 296 28.16 -32.28 21.68
C ALA A 296 26.64 -32.38 21.48
N TRP A 297 26.16 -31.98 20.29
CA TRP A 297 24.74 -32.10 19.93
C TRP A 297 24.31 -33.56 20.10
N THR A 298 23.16 -33.77 20.76
CA THR A 298 22.71 -35.10 21.19
C THR A 298 21.50 -35.51 20.45
N ASN A 299 21.46 -36.73 19.91
CA ASN A 299 20.34 -37.16 19.06
C ASN A 299 19.03 -36.56 19.58
N GLU A 300 18.91 -36.56 20.92
CA GLU A 300 17.78 -35.98 21.66
C GLU A 300 17.73 -34.50 21.28
N GLN A 301 18.77 -33.75 21.65
CA GLN A 301 18.84 -32.28 21.54
C GLN A 301 18.52 -31.72 20.17
N LEU A 302 19.11 -32.34 19.14
CA LEU A 302 18.85 -32.06 17.75
C LEU A 302 17.38 -32.28 17.41
N PHE A 303 16.89 -33.50 17.60
CA PHE A 303 15.46 -33.75 17.50
C PHE A 303 14.66 -32.67 18.22
N SER A 304 15.16 -32.23 19.38
CA SER A 304 14.42 -31.28 20.19
C SER A 304 14.39 -29.89 19.65
N ALA A 305 15.50 -29.44 19.10
CA ALA A 305 15.56 -28.09 18.56
C ALA A 305 15.11 -28.07 17.13
N GLY A 306 15.33 -29.18 16.43
CA GLY A 306 14.93 -29.31 15.04
C GLY A 306 15.81 -28.60 14.01
N LEU A 307 16.35 -29.40 13.10
CA LEU A 307 17.35 -28.96 12.14
C LEU A 307 17.56 -27.44 12.07
N GLU A 308 16.54 -26.75 11.57
CA GLU A 308 16.67 -25.33 11.24
C GLU A 308 17.32 -24.56 12.37
N ARG A 309 16.77 -24.75 13.55
CA ARG A 309 17.29 -24.07 14.70
C ARG A 309 18.70 -24.53 15.02
N ALA A 310 18.94 -25.84 14.93
CA ALA A 310 20.25 -26.40 15.22
C ALA A 310 21.31 -25.62 14.47
N LEU A 311 21.22 -25.67 13.14
CA LEU A 311 22.11 -24.93 12.26
C LEU A 311 22.32 -23.49 12.65
N SER A 312 21.22 -22.75 12.72
CA SER A 312 21.19 -21.39 13.26
C SER A 312 22.02 -21.28 14.55
N VAL A 313 21.93 -22.27 15.41
CA VAL A 313 22.78 -22.32 16.58
C VAL A 313 24.26 -22.22 16.16
N GLU A 314 24.71 -23.18 15.36
CA GLU A 314 26.12 -23.22 14.97
C GLU A 314 26.56 -22.01 14.18
N THR A 315 25.63 -21.41 13.46
CA THR A 315 25.92 -20.21 12.73
C THR A 315 26.07 -19.01 13.67
N VAL A 316 25.39 -19.04 14.82
CA VAL A 316 25.57 -17.98 15.80
C VAL A 316 26.89 -18.23 16.41
N ARG A 317 27.07 -19.47 16.86
CA ARG A 317 28.33 -19.92 17.42
C ARG A 317 29.50 -19.45 16.56
N ALA A 318 29.31 -19.58 15.24
CA ALA A 318 30.32 -19.28 14.23
C ALA A 318 30.69 -17.81 14.36
N ALA A 319 29.69 -16.98 14.14
CA ALA A 319 29.78 -15.54 14.34
C ALA A 319 30.44 -15.17 15.66
N PHE A 320 30.42 -16.05 16.65
CA PHE A 320 31.16 -15.81 17.86
C PHE A 320 32.62 -16.32 17.75
N THR A 321 32.78 -17.56 17.29
CA THR A 321 34.09 -18.20 17.29
C THR A 321 35.05 -17.61 16.24
N GLY A 322 34.67 -17.77 14.99
CA GLY A 322 35.56 -17.55 13.88
C GLY A 322 35.47 -18.77 13.02
N ALA A 323 35.09 -19.89 13.62
CA ALA A 323 35.00 -21.19 12.95
C ALA A 323 33.84 -21.30 11.98
N PRO A 324 34.14 -21.56 10.70
CA PRO A 324 33.09 -21.65 9.67
C PRO A 324 32.12 -22.81 9.96
N PRO A 325 30.83 -22.50 9.88
CA PRO A 325 29.74 -23.44 10.20
C PRO A 325 29.51 -24.54 9.17
N GLY A 326 29.93 -24.24 7.94
CA GLY A 326 29.90 -25.20 6.85
C GLY A 326 29.81 -26.66 7.25
N PRO A 327 30.93 -27.23 7.73
CA PRO A 327 31.03 -28.64 8.11
C PRO A 327 29.97 -29.09 9.14
N TRP A 328 29.68 -28.22 10.10
CA TRP A 328 28.76 -28.57 11.17
C TRP A 328 27.36 -28.66 10.62
N HIS A 329 26.91 -27.56 10.05
CA HIS A 329 25.68 -27.52 9.26
C HIS A 329 25.48 -28.81 8.48
N GLU A 330 26.56 -29.27 7.83
CA GLU A 330 26.54 -30.46 6.99
C GLU A 330 26.48 -31.73 7.80
N LYS A 331 27.11 -31.76 8.98
CA LYS A 331 27.03 -32.94 9.85
C LYS A 331 25.64 -33.05 10.53
N LEU A 332 25.10 -31.90 10.91
CA LEU A 332 23.77 -31.82 11.49
C LEU A 332 22.76 -32.27 10.45
N ARG A 333 22.83 -31.70 9.25
CA ARG A 333 21.91 -32.04 8.18
C ARG A 333 21.87 -33.55 7.90
N ARG A 334 22.98 -34.23 8.18
CA ARG A 334 23.06 -35.68 8.03
C ARG A 334 22.35 -36.33 9.20
N ARG A 335 22.85 -36.05 10.39
CA ARG A 335 22.32 -36.64 11.60
C ARG A 335 20.82 -36.52 11.64
N PHE A 336 20.31 -35.34 11.33
CA PHE A 336 18.91 -35.09 11.48
C PHE A 336 18.08 -35.94 10.52
N ALA A 337 18.65 -36.31 9.38
CA ALA A 337 17.90 -37.11 8.42
C ALA A 337 18.11 -38.61 8.64
N SER A 338 18.67 -38.94 9.81
CA SER A 338 18.93 -40.32 10.22
C SER A 338 18.27 -40.59 11.57
N LEU A 339 17.93 -39.51 12.28
CA LEU A 339 17.07 -39.57 13.46
C LEU A 339 15.88 -40.38 13.06
N PRO A 340 15.69 -41.52 13.71
CA PRO A 340 14.69 -42.52 13.35
C PRO A 340 13.27 -41.96 13.35
N ILE A 341 13.10 -40.81 13.98
CA ILE A 341 11.95 -39.93 13.82
C ILE A 341 12.46 -38.48 13.85
N LYS A 342 11.70 -37.56 13.28
CA LYS A 342 12.12 -36.16 13.33
C LYS A 342 11.19 -35.20 14.07
N THR A 343 9.94 -35.63 14.29
CA THR A 343 8.96 -34.88 15.11
C THR A 343 8.40 -35.81 16.13
N LYS A 344 7.57 -35.27 17.02
CA LYS A 344 6.86 -36.12 17.99
C LYS A 344 5.71 -36.86 17.33
N GLY A 345 5.08 -36.22 16.35
CA GLY A 345 3.91 -36.79 15.65
C GLY A 345 4.15 -38.08 14.87
N GLU A 346 5.42 -38.29 14.50
CA GLU A 346 5.87 -39.51 13.84
C GLU A 346 5.80 -40.77 14.74
N LEU A 347 5.85 -40.61 16.07
CA LEU A 347 5.94 -41.74 17.05
C LEU A 347 4.89 -42.81 16.80
N ALA A 348 5.31 -44.04 16.52
CA ALA A 348 4.37 -45.09 16.08
C ALA A 348 3.33 -45.41 17.12
N VAL A 349 3.48 -44.80 18.30
CA VAL A 349 2.74 -45.17 19.49
C VAL A 349 1.97 -43.98 20.04
N ASN A 350 0.72 -44.24 20.38
CA ASN A 350 -0.25 -43.21 20.69
C ASN A 350 -0.42 -43.08 22.19
N GLY A 351 -0.64 -41.87 22.67
CA GLY A 351 -0.87 -41.66 24.09
C GLY A 351 -1.93 -42.55 24.73
N LYS A 352 -2.95 -42.86 23.93
CA LYS A 352 -4.06 -43.70 24.36
C LYS A 352 -3.60 -45.15 24.43
N ASP A 353 -2.59 -45.45 23.61
CA ASP A 353 -2.05 -46.78 23.50
C ASP A 353 -1.39 -47.09 24.83
N VAL A 354 -0.65 -46.11 25.37
CA VAL A 354 0.02 -46.25 26.68
C VAL A 354 -0.94 -46.43 27.84
N ILE A 355 -2.16 -45.90 27.74
CA ILE A 355 -3.15 -46.12 28.79
C ILE A 355 -3.67 -47.54 28.72
N GLU A 356 -4.28 -47.90 27.60
CA GLU A 356 -4.82 -49.25 27.39
C GLU A 356 -3.73 -50.33 27.62
N TRP A 357 -2.54 -49.85 27.93
CA TRP A 357 -1.41 -50.73 28.02
C TRP A 357 -0.92 -50.99 29.46
N VAL A 358 -0.86 -49.91 30.25
CA VAL A 358 -0.46 -49.88 31.65
C VAL A 358 -1.66 -49.80 32.59
N GLY A 359 -2.88 -49.91 32.05
CA GLY A 359 -4.09 -49.93 32.85
C GLY A 359 -4.17 -48.97 34.03
N LYS A 360 -3.97 -47.70 33.70
CA LYS A 360 -4.14 -46.58 34.62
C LYS A 360 -5.16 -45.59 33.98
N PRO A 361 -5.77 -44.67 34.73
CA PRO A 361 -6.64 -43.65 34.14
C PRO A 361 -5.77 -42.66 33.39
N ALA A 362 -6.36 -41.87 32.48
CA ALA A 362 -5.61 -40.84 31.78
C ALA A 362 -5.17 -39.76 32.78
N GLY A 363 -3.99 -39.18 32.57
CA GLY A 363 -3.46 -38.16 33.47
C GLY A 363 -2.08 -37.59 33.17
N PRO A 364 -1.38 -37.14 34.22
CA PRO A 364 0.00 -36.64 34.13
C PRO A 364 1.11 -37.65 33.77
N TRP A 365 1.11 -38.85 34.37
CA TRP A 365 2.10 -39.88 34.04
C TRP A 365 2.24 -40.12 32.53
N VAL A 366 1.13 -40.06 31.78
CA VAL A 366 1.07 -40.38 30.34
C VAL A 366 2.11 -39.58 29.55
N LYS A 367 2.15 -38.26 29.76
CA LYS A 367 3.16 -37.43 29.12
C LYS A 367 4.55 -38.04 29.37
N GLU A 368 5.00 -38.00 30.63
CA GLU A 368 6.28 -38.58 31.05
C GLU A 368 6.57 -39.91 30.38
N ALA A 369 5.52 -40.67 30.09
CA ALA A 369 5.67 -41.98 29.48
C ALA A 369 6.17 -41.77 28.07
N LEU A 370 5.35 -41.13 27.27
CA LEU A 370 5.67 -40.88 25.89
C LEU A 370 6.97 -40.06 25.81
N ASP A 371 7.08 -39.05 26.66
CA ASP A 371 8.30 -38.31 26.87
C ASP A 371 9.50 -39.26 26.81
N ALA A 372 9.46 -40.32 27.59
CA ALA A 372 10.58 -41.28 27.64
C ALA A 372 10.58 -42.34 26.53
N ILE A 373 9.48 -42.49 25.81
CA ILE A 373 9.44 -43.34 24.62
C ILE A 373 10.15 -42.74 23.41
N TRP A 374 9.94 -41.44 23.15
CA TRP A 374 10.56 -40.80 21.97
C TRP A 374 12.06 -40.78 22.21
N ARG A 375 12.46 -40.37 23.42
CA ARG A 375 13.84 -40.37 23.88
C ARG A 375 14.48 -41.74 23.81
N ALA A 376 13.64 -42.72 23.52
CA ALA A 376 14.08 -44.07 23.36
C ALA A 376 14.13 -44.38 21.88
N VAL A 377 13.09 -44.01 21.15
CA VAL A 377 13.06 -44.27 19.73
C VAL A 377 14.25 -43.58 19.08
N VAL A 378 14.37 -42.28 19.42
CA VAL A 378 15.41 -41.36 18.94
C VAL A 378 16.81 -41.88 19.24
N ASN A 379 17.15 -42.14 20.50
CA ASN A 379 18.50 -42.61 20.80
C ASN A 379 18.74 -44.04 20.31
N GLY A 380 17.79 -44.58 19.54
CA GLY A 380 17.91 -45.90 18.92
C GLY A 380 17.83 -47.13 19.83
N GLU A 381 17.40 -46.89 21.08
CA GLU A 381 17.24 -47.86 22.13
C GLU A 381 16.19 -48.92 21.75
N VAL A 382 15.01 -48.46 21.36
CA VAL A 382 13.93 -49.32 20.88
C VAL A 382 13.44 -48.79 19.55
N GLU A 383 13.12 -49.70 18.63
CA GLU A 383 12.52 -49.34 17.35
C GLU A 383 11.35 -48.35 17.44
N ASN A 384 10.83 -47.93 16.30
CA ASN A 384 9.62 -47.13 16.29
C ASN A 384 8.53 -47.91 15.63
N GLU A 385 8.29 -49.09 16.15
CA GLU A 385 7.17 -49.92 15.74
C GLU A 385 6.34 -50.24 17.00
N LYS A 386 5.04 -50.42 16.84
CA LYS A 386 4.11 -50.61 17.97
C LYS A 386 4.51 -51.75 18.90
N GLU A 387 4.58 -52.96 18.34
CA GLU A 387 4.85 -54.17 19.11
C GLU A 387 6.01 -53.97 20.08
N ARG A 388 7.17 -53.62 19.52
CA ARG A 388 8.43 -53.46 20.27
C ARG A 388 8.36 -52.38 21.35
N ILE A 389 7.74 -51.24 21.06
CA ILE A 389 7.58 -50.20 22.07
C ILE A 389 6.68 -50.65 23.19
N TYR A 390 5.75 -51.57 22.90
CA TYR A 390 4.90 -52.13 23.96
C TYR A 390 5.72 -52.88 25.02
N ALA A 391 6.38 -53.94 24.57
CA ALA A 391 7.34 -54.65 25.39
C ALA A 391 8.26 -53.62 26.05
N TRP A 392 8.88 -52.75 25.24
CA TRP A 392 9.79 -51.72 25.76
C TRP A 392 9.18 -50.99 26.95
N LEU A 393 7.90 -50.66 26.85
CA LEU A 393 7.29 -49.98 27.96
C LEU A 393 7.02 -50.99 29.03
N MET A 394 6.35 -52.08 28.65
CA MET A 394 5.97 -53.06 29.66
C MET A 394 7.21 -53.39 30.52
N GLU A 395 8.28 -53.78 29.84
CA GLU A 395 9.43 -54.36 30.51
C GLU A 395 10.24 -53.34 31.32
N ARG A 396 9.91 -52.06 31.16
CA ARG A 396 10.56 -50.98 31.91
C ARG A 396 9.68 -50.50 33.04
N ASN A 397 8.52 -51.12 33.22
CA ASN A 397 7.67 -50.81 34.35
C ASN A 397 7.81 -51.74 35.57
N ARG A 398 8.16 -53.00 35.29
CA ARG A 398 8.58 -53.96 36.32
C ARG A 398 10.08 -53.80 36.68
N THR A 399 10.77 -52.95 35.93
CA THR A 399 12.12 -52.51 36.24
C THR A 399 12.03 -51.45 37.32
N ARG A 400 10.96 -50.66 37.29
CA ARG A 400 10.71 -49.56 38.21
C ARG A 400 10.05 -50.06 39.48
N GLU A 401 9.93 -51.38 39.59
CA GLU A 401 9.50 -52.08 40.81
C GLU A 401 10.68 -52.73 41.52
N LYS A 402 11.64 -53.23 40.73
CA LYS A 402 12.86 -53.84 41.25
C LYS A 402 13.83 -52.78 41.78
N ASN A 403 13.70 -51.55 41.26
CA ASN A 403 14.58 -50.43 41.62
C ASN A 403 14.21 -49.66 42.89
N CYS A 404 12.94 -49.71 43.28
CA CYS A 404 12.50 -49.14 44.57
C CYS A 404 11.47 -50.00 45.30
N MET B 1 -10.70 -24.07 -12.28
CA MET B 1 -9.95 -22.86 -11.81
C MET B 1 -9.93 -21.77 -12.88
N LYS B 2 -10.58 -20.66 -12.56
CA LYS B 2 -10.54 -19.48 -13.43
C LYS B 2 -9.19 -18.71 -13.34
N PRO B 3 -8.62 -18.33 -14.48
CA PRO B 3 -7.34 -17.62 -14.50
C PRO B 3 -7.19 -16.54 -13.45
N PRO B 4 -8.21 -15.72 -13.19
CA PRO B 4 -8.11 -14.74 -12.09
C PRO B 4 -7.45 -15.34 -10.84
N PHE B 5 -7.96 -16.48 -10.38
CA PHE B 5 -7.51 -17.17 -9.17
C PHE B 5 -6.33 -18.06 -9.45
N GLN B 6 -6.18 -18.44 -10.72
CA GLN B 6 -5.12 -19.35 -11.13
C GLN B 6 -3.77 -18.83 -10.70
N GLU B 7 -3.43 -17.63 -11.16
CA GLU B 7 -2.16 -17.00 -10.76
C GLU B 7 -2.15 -16.71 -9.27
N ALA B 8 -3.32 -16.35 -8.75
CA ALA B 8 -3.51 -16.03 -7.33
C ALA B 8 -3.46 -17.26 -6.43
N LEU B 9 -3.53 -18.44 -7.03
CA LEU B 9 -3.44 -19.69 -6.30
C LEU B 9 -2.15 -19.85 -5.50
N GLY B 10 -1.04 -19.32 -6.02
CA GLY B 10 0.24 -19.31 -5.32
C GLY B 10 0.14 -18.75 -3.91
N ILE B 11 -0.43 -17.55 -3.79
CA ILE B 11 -0.59 -16.91 -2.48
C ILE B 11 -1.09 -17.89 -1.44
N ILE B 12 -2.16 -18.61 -1.77
CA ILE B 12 -2.73 -19.59 -0.87
C ILE B 12 -1.71 -20.66 -0.59
N GLN B 13 -1.20 -21.29 -1.66
CA GLN B 13 -0.31 -22.44 -1.59
C GLN B 13 0.82 -22.24 -0.61
N GLN B 14 1.62 -21.21 -0.82
CA GLN B 14 2.71 -20.91 0.08
C GLN B 14 2.26 -20.63 1.53
N LEU B 15 1.07 -20.07 1.71
CA LEU B 15 0.50 -19.87 3.05
C LEU B 15 0.02 -21.19 3.67
N LYS B 16 -0.33 -22.16 2.83
CA LYS B 16 -0.73 -23.48 3.30
C LYS B 16 0.50 -24.28 3.71
N GLN B 17 1.54 -24.27 2.87
CA GLN B 17 2.76 -25.05 3.11
C GLN B 17 3.46 -24.70 4.42
N HIS B 18 3.52 -23.40 4.72
CA HIS B 18 3.98 -22.92 6.01
C HIS B 18 2.89 -23.09 7.07
N GLY B 19 2.04 -24.09 6.87
CA GLY B 19 0.97 -24.44 7.79
C GLY B 19 0.09 -23.29 8.26
N TYR B 20 -0.53 -22.55 7.32
CA TYR B 20 -1.34 -21.40 7.72
C TYR B 20 -2.81 -21.36 7.35
N ASP B 21 -3.19 -21.95 6.22
CA ASP B 21 -4.61 -22.01 5.82
C ASP B 21 -5.15 -20.65 5.32
N ALA B 22 -5.49 -20.60 4.04
CA ALA B 22 -6.00 -19.40 3.38
C ALA B 22 -7.15 -19.70 2.42
N TYR B 23 -7.93 -18.65 2.15
CA TYR B 23 -9.08 -18.71 1.24
C TYR B 23 -9.23 -17.47 0.36
N PHE B 24 -9.78 -17.69 -0.82
CA PHE B 24 -10.26 -16.60 -1.64
C PHE B 24 -11.52 -16.12 -0.97
N VAL B 25 -11.65 -14.81 -0.83
CA VAL B 25 -12.81 -14.25 -0.17
C VAL B 25 -13.32 -13.05 -0.94
N GLY B 26 -14.57 -12.68 -0.70
CA GLY B 26 -15.07 -11.43 -1.21
C GLY B 26 -15.74 -11.55 -2.55
N GLY B 27 -15.91 -10.40 -3.18
CA GLY B 27 -16.67 -10.26 -4.41
C GLY B 27 -16.17 -11.08 -5.57
N ALA B 28 -14.86 -11.24 -5.64
CA ALA B 28 -14.20 -12.10 -6.61
C ALA B 28 -14.89 -13.45 -6.71
N VAL B 29 -15.42 -13.92 -5.58
CA VAL B 29 -16.13 -15.18 -5.50
C VAL B 29 -17.54 -14.90 -6.00
N ARG B 30 -18.13 -13.86 -5.42
CA ARG B 30 -19.43 -13.34 -5.83
C ARG B 30 -19.46 -13.22 -7.36
N ASP B 31 -18.61 -12.35 -7.91
CA ASP B 31 -18.48 -12.17 -9.38
C ASP B 31 -18.32 -13.48 -10.12
N LEU B 32 -17.44 -14.34 -9.65
CA LEU B 32 -17.28 -15.66 -10.25
C LEU B 32 -18.63 -16.37 -10.27
N LEU B 33 -19.23 -16.50 -9.07
CA LEU B 33 -20.54 -17.13 -8.91
C LEU B 33 -21.56 -16.42 -9.76
N LEU B 34 -21.92 -15.20 -9.38
CA LEU B 34 -22.76 -14.32 -10.21
C LEU B 34 -22.52 -14.41 -11.72
N GLY B 35 -21.28 -14.68 -12.08
CA GLY B 35 -20.87 -14.73 -13.47
C GLY B 35 -20.57 -13.36 -14.06
N ARG B 36 -20.03 -12.47 -13.24
CA ARG B 36 -19.48 -11.18 -13.66
C ARG B 36 -18.02 -11.32 -14.03
N PRO B 37 -17.48 -10.30 -14.71
CA PRO B 37 -16.05 -10.19 -14.91
C PRO B 37 -15.41 -10.04 -13.56
N ILE B 38 -14.29 -10.71 -13.35
CA ILE B 38 -13.83 -10.90 -11.99
C ILE B 38 -12.88 -9.78 -11.66
N GLY B 39 -13.22 -9.07 -10.59
CA GLY B 39 -12.50 -7.89 -10.12
C GLY B 39 -11.22 -8.17 -9.36
N ASP B 40 -11.07 -7.48 -8.23
CA ASP B 40 -9.92 -7.70 -7.38
C ASP B 40 -9.97 -9.08 -6.81
N VAL B 41 -8.91 -9.87 -6.97
CA VAL B 41 -8.87 -11.14 -6.21
C VAL B 41 -8.34 -10.82 -4.81
N ASP B 42 -9.10 -11.25 -3.79
CA ASP B 42 -8.76 -10.99 -2.40
C ASP B 42 -8.48 -12.32 -1.69
N ILE B 43 -7.50 -12.35 -0.77
CA ILE B 43 -7.21 -13.58 -0.01
C ILE B 43 -7.23 -13.41 1.51
N ALA B 44 -8.00 -14.24 2.22
CA ALA B 44 -7.96 -14.22 3.69
C ALA B 44 -7.37 -15.48 4.35
N THR B 45 -6.57 -15.26 5.39
CA THR B 45 -5.73 -16.29 5.97
C THR B 45 -5.64 -16.16 7.50
N SER B 46 -5.20 -17.23 8.15
CA SER B 46 -4.96 -17.23 9.59
C SER B 46 -3.60 -16.64 9.97
N ALA B 47 -2.73 -16.52 8.96
CA ALA B 47 -1.37 -15.98 9.15
C ALA B 47 -1.39 -14.50 9.39
N LEU B 48 -0.75 -14.07 10.45
CA LEU B 48 -0.71 -12.67 10.81
C LEU B 48 0.06 -11.85 9.77
N PRO B 49 -0.21 -10.54 9.69
CA PRO B 49 0.51 -9.68 8.74
C PRO B 49 2.02 -10.01 8.67
N GLU B 50 2.65 -10.13 9.83
CA GLU B 50 4.09 -10.37 9.97
C GLU B 50 4.50 -11.67 9.31
N ASP B 51 3.66 -12.69 9.45
CA ASP B 51 3.91 -13.99 8.84
C ASP B 51 3.83 -13.88 7.31
N VAL B 52 2.91 -13.07 6.81
CA VAL B 52 2.73 -12.85 5.37
C VAL B 52 3.91 -12.00 4.80
N MET B 53 4.43 -11.07 5.62
CA MET B 53 5.57 -10.25 5.21
C MET B 53 6.88 -11.03 5.19
N ALA B 54 6.92 -12.12 5.94
CA ALA B 54 8.08 -13.01 5.97
C ALA B 54 8.09 -13.94 4.76
N ILE B 55 6.92 -14.47 4.41
CA ILE B 55 6.80 -15.51 3.40
C ILE B 55 7.01 -14.97 1.99
N PHE B 56 6.39 -13.84 1.70
CA PHE B 56 6.45 -13.34 0.34
C PHE B 56 7.55 -12.30 0.27
N PRO B 57 8.30 -12.27 -0.84
CA PRO B 57 9.31 -11.21 -1.08
C PRO B 57 8.73 -9.77 -1.05
N LYS B 58 8.03 -9.33 -2.09
CA LYS B 58 7.39 -8.01 -2.05
C LYS B 58 6.13 -8.02 -1.17
N THR B 59 6.14 -7.09 -0.21
CA THR B 59 5.09 -6.95 0.81
C THR B 59 4.82 -5.51 1.16
N ILE B 60 3.68 -5.00 0.70
CA ILE B 60 3.36 -3.60 0.99
C ILE B 60 2.48 -3.48 2.21
N ASP B 61 2.94 -2.67 3.15
CA ASP B 61 2.27 -2.48 4.43
C ASP B 61 1.29 -1.33 4.40
N VAL B 62 0.07 -1.64 3.99
CA VAL B 62 -0.99 -0.66 3.80
C VAL B 62 -1.59 -0.25 5.13
N GLY B 63 -1.83 -1.27 5.96
CA GLY B 63 -2.46 -1.09 7.26
C GLY B 63 -2.45 -2.42 7.98
N SER B 64 -1.25 -2.82 8.39
CA SER B 64 -1.04 -4.04 9.16
C SER B 64 -1.63 -3.90 10.56
N LYS B 65 -2.08 -2.67 10.86
CA LYS B 65 -2.77 -2.32 12.12
C LYS B 65 -4.23 -2.85 12.21
N HIS B 66 -4.82 -3.24 11.07
CA HIS B 66 -6.18 -3.78 11.01
C HIS B 66 -6.33 -5.05 10.14
N GLY B 67 -5.20 -5.68 9.84
CA GLY B 67 -5.19 -7.03 9.31
C GLY B 67 -4.66 -7.18 7.92
N THR B 68 -4.93 -6.21 7.07
CA THR B 68 -4.63 -6.33 5.68
C THR B 68 -3.17 -6.11 5.34
N VAL B 69 -2.68 -6.88 4.36
CA VAL B 69 -1.36 -6.74 3.75
C VAL B 69 -1.48 -6.94 2.22
N VAL B 70 -0.85 -6.04 1.46
CA VAL B 70 -0.84 -6.19 0.03
C VAL B 70 0.39 -6.97 -0.39
N VAL B 71 0.13 -8.12 -1.00
CA VAL B 71 1.17 -9.04 -1.44
C VAL B 71 1.34 -9.02 -2.95
N VAL B 72 2.46 -8.48 -3.39
CA VAL B 72 2.74 -8.48 -4.80
C VAL B 72 3.20 -9.87 -5.25
N HIS B 73 2.37 -10.50 -6.09
CA HIS B 73 2.58 -11.87 -6.53
C HIS B 73 2.58 -11.97 -8.03
N LYS B 74 3.66 -12.53 -8.57
CA LYS B 74 3.77 -12.85 -9.97
C LYS B 74 3.41 -11.67 -10.86
N GLY B 75 3.44 -10.48 -10.28
CA GLY B 75 3.20 -9.28 -11.05
C GLY B 75 1.83 -8.63 -10.93
N LYS B 76 1.14 -8.92 -9.83
CA LYS B 76 -0.14 -8.29 -9.50
C LYS B 76 -0.09 -7.87 -8.04
N ALA B 77 -1.18 -7.27 -7.56
CA ALA B 77 -1.30 -6.87 -6.15
C ALA B 77 -2.55 -7.50 -5.48
N TYR B 78 -2.34 -8.47 -4.62
CA TYR B 78 -3.48 -9.07 -3.96
C TYR B 78 -3.51 -8.69 -2.46
N GLU B 79 -4.72 -8.53 -1.92
CA GLU B 79 -4.93 -8.10 -0.52
C GLU B 79 -5.19 -9.30 0.41
N VAL B 80 -4.17 -9.65 1.20
CA VAL B 80 -4.26 -10.77 2.16
C VAL B 80 -4.68 -10.29 3.55
N THR B 81 -5.79 -10.80 4.06
CA THR B 81 -6.27 -10.34 5.35
C THR B 81 -6.40 -11.43 6.45
N THR B 82 -5.62 -11.28 7.50
CA THR B 82 -5.67 -12.18 8.64
C THR B 82 -7.03 -12.07 9.27
N PHE B 83 -7.70 -13.22 9.36
CA PHE B 83 -9.06 -13.34 9.87
C PHE B 83 -9.22 -12.47 11.11
N LYS B 84 -10.40 -11.88 11.29
CA LYS B 84 -10.59 -10.97 12.40
C LYS B 84 -12.02 -10.92 12.90
N THR B 85 -12.22 -10.23 14.01
CA THR B 85 -13.55 -9.98 14.58
C THR B 85 -13.73 -8.47 14.83
N ASP B 86 -14.55 -7.83 14.00
CA ASP B 86 -14.85 -6.38 14.09
C ASP B 86 -15.52 -6.03 15.43
N GLY B 87 -14.69 -5.68 16.40
CA GLY B 87 -15.14 -5.37 17.76
C GLY B 87 -15.95 -4.10 17.86
N SER B 97 -10.30 -1.13 18.32
CA SER B 97 -9.24 -2.11 18.06
C SER B 97 -9.78 -3.34 17.32
N VAL B 98 -8.87 -4.07 16.67
CA VAL B 98 -9.19 -5.29 15.91
C VAL B 98 -8.65 -6.55 16.63
N THR B 99 -9.43 -7.64 16.62
CA THR B 99 -9.00 -8.93 17.18
C THR B 99 -8.86 -10.02 16.07
N PHE B 100 -7.66 -10.60 15.95
CA PHE B 100 -7.34 -11.63 14.94
C PHE B 100 -7.64 -13.05 15.45
N VAL B 101 -8.35 -13.84 14.66
CA VAL B 101 -8.66 -15.22 15.06
C VAL B 101 -7.98 -16.27 14.15
N ARG B 102 -8.47 -17.50 14.21
CA ARG B 102 -8.07 -18.58 13.31
C ARG B 102 -9.31 -19.10 12.59
N SER B 103 -10.48 -18.62 13.03
CA SER B 103 -11.76 -19.06 12.49
C SER B 103 -12.11 -18.25 11.26
N LEU B 104 -12.08 -18.91 10.10
CA LEU B 104 -12.54 -18.29 8.85
C LEU B 104 -14.00 -17.93 9.00
N GLU B 105 -14.76 -18.86 9.60
CA GLU B 105 -16.16 -18.64 9.90
C GLU B 105 -16.40 -17.37 10.73
N GLU B 106 -15.47 -17.04 11.62
CA GLU B 106 -15.57 -15.79 12.38
C GLU B 106 -15.38 -14.60 11.44
N ASP B 107 -14.51 -14.78 10.45
CA ASP B 107 -14.17 -13.72 9.52
C ASP B 107 -15.32 -13.41 8.58
N LEU B 108 -15.79 -14.41 7.87
CA LEU B 108 -16.97 -14.27 7.04
C LEU B 108 -18.08 -13.59 7.85
N LYS B 109 -18.28 -14.05 9.08
CA LYS B 109 -19.35 -13.57 9.96
C LYS B 109 -19.35 -12.06 10.18
N ARG B 110 -18.21 -11.41 9.96
CA ARG B 110 -18.08 -9.97 10.17
C ARG B 110 -18.40 -9.07 8.95
N ARG B 111 -18.40 -9.65 7.74
CA ARG B 111 -18.55 -8.88 6.48
C ARG B 111 -19.97 -8.31 6.25
N ASP B 112 -20.06 -7.25 5.45
CA ASP B 112 -21.32 -6.48 5.26
C ASP B 112 -22.55 -7.34 4.90
N PHE B 113 -22.50 -7.99 3.74
CA PHE B 113 -23.64 -8.72 3.22
C PHE B 113 -23.20 -10.08 2.74
N THR B 114 -24.20 -10.93 2.51
CA THR B 114 -24.03 -12.36 2.31
C THR B 114 -23.28 -12.72 1.04
N MET B 115 -23.64 -12.07 -0.07
CA MET B 115 -22.93 -12.17 -1.35
C MET B 115 -21.41 -12.03 -1.21
N ASN B 116 -21.02 -11.20 -0.24
CA ASN B 116 -19.64 -10.92 0.06
C ASN B 116 -19.08 -11.93 1.03
N ALA B 117 -19.95 -12.56 1.79
CA ALA B 117 -19.47 -13.40 2.86
C ALA B 117 -19.24 -14.85 2.42
N ILE B 118 -18.79 -15.02 1.16
CA ILE B 118 -18.42 -16.35 0.64
C ILE B 118 -16.90 -16.55 0.66
N ALA B 119 -16.49 -17.75 0.28
CA ALA B 119 -15.09 -18.17 0.35
C ALA B 119 -14.89 -19.47 -0.42
N MET B 120 -13.76 -19.59 -1.10
CA MET B 120 -13.49 -20.76 -1.91
C MET B 120 -12.10 -21.26 -1.58
N ASP B 121 -11.93 -22.57 -1.48
CA ASP B 121 -10.64 -23.14 -1.06
C ASP B 121 -9.68 -23.40 -2.22
N GLU B 122 -8.39 -23.50 -1.93
CA GLU B 122 -7.37 -23.71 -2.97
C GLU B 122 -7.73 -24.75 -4.05
N TYR B 123 -8.81 -25.48 -3.81
CA TYR B 123 -9.22 -26.60 -4.65
C TYR B 123 -10.40 -26.21 -5.52
N GLY B 124 -11.24 -25.31 -5.01
CA GLY B 124 -12.38 -24.83 -5.76
C GLY B 124 -13.69 -25.22 -5.12
N THR B 125 -13.69 -25.52 -3.82
CA THR B 125 -14.90 -25.87 -3.07
C THR B 125 -15.48 -24.60 -2.39
N ILE B 126 -16.67 -24.18 -2.81
CA ILE B 126 -17.27 -22.95 -2.29
C ILE B 126 -17.68 -23.13 -0.85
N ILE B 127 -17.26 -22.22 0.00
CA ILE B 127 -17.57 -22.30 1.41
C ILE B 127 -18.58 -21.22 1.73
N ASP B 128 -19.84 -21.58 1.77
CA ASP B 128 -20.89 -20.62 2.10
C ASP B 128 -21.63 -21.01 3.39
N PRO B 129 -21.15 -20.47 4.50
CA PRO B 129 -21.85 -20.63 5.77
C PRO B 129 -22.85 -19.48 5.99
N PHE B 130 -23.18 -18.67 4.98
CA PHE B 130 -24.16 -17.60 5.20
C PHE B 130 -25.23 -17.36 4.15
N GLY B 131 -25.35 -18.28 3.20
CA GLY B 131 -26.41 -18.22 2.19
C GLY B 131 -26.13 -17.18 1.13
N GLY B 132 -24.85 -16.89 0.95
CA GLY B 132 -24.43 -16.01 -0.12
C GLY B 132 -24.91 -16.66 -1.40
N ARG B 133 -24.56 -17.94 -1.56
CA ARG B 133 -24.92 -18.64 -2.77
C ARG B 133 -26.40 -18.51 -3.08
N GLU B 134 -27.28 -18.63 -2.07
CA GLU B 134 -28.72 -18.35 -2.23
C GLU B 134 -28.98 -16.91 -2.68
N ALA B 135 -28.43 -15.93 -1.93
CA ALA B 135 -28.59 -14.52 -2.24
C ALA B 135 -28.31 -14.18 -3.70
N ILE B 136 -27.29 -14.81 -4.28
CA ILE B 136 -26.86 -14.54 -5.65
C ILE B 136 -27.81 -15.09 -6.74
N ARG B 137 -28.24 -16.34 -6.57
CA ARG B 137 -29.27 -16.93 -7.43
C ARG B 137 -30.52 -16.05 -7.45
N ARG B 138 -30.97 -15.66 -6.25
CA ARG B 138 -32.13 -14.78 -6.07
C ARG B 138 -31.80 -13.33 -6.40
N ARG B 139 -30.51 -12.99 -6.44
CA ARG B 139 -30.10 -11.61 -6.71
C ARG B 139 -30.65 -10.68 -5.62
N ILE B 140 -30.15 -10.86 -4.38
CA ILE B 140 -30.58 -10.03 -3.25
C ILE B 140 -29.45 -9.64 -2.30
N ILE B 141 -29.37 -8.35 -2.04
CA ILE B 141 -28.44 -7.82 -1.07
C ILE B 141 -28.98 -7.94 0.35
N ARG B 142 -28.56 -8.98 1.07
CA ARG B 142 -29.02 -9.11 2.45
C ARG B 142 -27.86 -9.01 3.45
N THR B 143 -28.20 -8.49 4.63
CA THR B 143 -27.29 -8.31 5.77
C THR B 143 -26.81 -9.62 6.37
N VAL B 144 -25.54 -9.66 6.77
CA VAL B 144 -25.03 -10.83 7.50
C VAL B 144 -25.30 -10.72 8.99
N GLY B 145 -26.46 -11.23 9.40
CA GLY B 145 -26.98 -11.03 10.73
C GLY B 145 -28.03 -9.92 10.72
N GLU B 146 -28.31 -9.37 11.88
CA GLU B 146 -29.31 -8.31 11.99
C GLU B 146 -28.86 -7.08 11.22
N ALA B 147 -29.68 -6.71 10.23
CA ALA B 147 -29.47 -5.52 9.44
C ALA B 147 -29.33 -4.29 10.33
N GLU B 148 -30.09 -4.30 11.41
CA GLU B 148 -30.03 -3.25 12.42
C GLU B 148 -28.64 -3.15 13.01
N LYS B 149 -28.18 -4.22 13.66
CA LYS B 149 -26.89 -4.22 14.37
C LYS B 149 -25.70 -3.87 13.48
N ARG B 150 -25.71 -4.37 12.25
CA ARG B 150 -24.64 -4.13 11.29
C ARG B 150 -24.48 -2.67 10.87
N PHE B 151 -25.61 -1.98 10.66
CA PHE B 151 -25.60 -0.55 10.36
C PHE B 151 -25.18 0.31 11.56
N ARG B 152 -25.32 -0.26 12.76
CA ARG B 152 -24.80 0.36 13.97
C ARG B 152 -23.28 0.10 14.07
N GLU B 153 -22.84 -1.02 13.49
CA GLU B 153 -21.42 -1.41 13.47
C GLU B 153 -20.59 -0.61 12.46
N ASP B 154 -21.24 -0.07 11.42
CA ASP B 154 -20.61 0.79 10.40
C ASP B 154 -21.65 1.41 9.48
N ALA B 155 -22.12 2.61 9.84
CA ALA B 155 -23.23 3.26 9.14
C ALA B 155 -23.07 3.30 7.63
N LEU B 156 -21.83 3.48 7.18
CA LEU B 156 -21.58 3.56 5.76
C LEU B 156 -22.10 2.32 5.04
N ARG B 157 -22.22 1.21 5.76
CA ARG B 157 -22.71 -0.04 5.16
C ARG B 157 -24.01 0.16 4.35
N MET B 158 -24.73 1.24 4.64
CA MET B 158 -26.00 1.53 3.95
C MET B 158 -25.78 2.11 2.55
N MET B 159 -25.17 3.29 2.46
CA MET B 159 -24.78 3.82 1.16
C MET B 159 -24.45 2.68 0.20
N ARG B 160 -23.57 1.79 0.61
CA ARG B 160 -23.05 0.76 -0.27
C ARG B 160 -24.06 -0.31 -0.57
N ALA B 161 -24.90 -0.66 0.41
CA ALA B 161 -26.04 -1.54 0.15
C ALA B 161 -26.88 -1.01 -1.02
N VAL B 162 -26.87 0.32 -1.21
CA VAL B 162 -27.55 1.01 -2.31
C VAL B 162 -26.67 1.13 -3.56
N ARG B 163 -25.38 1.38 -3.38
CA ARG B 163 -24.50 1.39 -4.54
C ARG B 163 -24.52 0.02 -5.15
N PHE B 164 -24.47 -1.01 -4.30
CA PHE B 164 -24.46 -2.36 -4.82
C PHE B 164 -25.66 -2.55 -5.76
N VAL B 165 -26.81 -2.04 -5.33
CA VAL B 165 -28.01 -2.02 -6.16
C VAL B 165 -27.69 -1.38 -7.50
N SER B 166 -26.85 -0.35 -7.49
CA SER B 166 -26.44 0.31 -8.70
C SER B 166 -25.52 -0.60 -9.52
N GLU B 167 -24.71 -1.37 -8.81
CA GLU B 167 -23.53 -1.98 -9.41
C GLU B 167 -23.87 -3.31 -10.02
N LEU B 168 -24.73 -4.04 -9.35
CA LEU B 168 -25.01 -5.40 -9.74
C LEU B 168 -26.40 -5.54 -10.33
N GLY B 169 -27.35 -4.81 -9.76
CA GLY B 169 -28.76 -4.93 -10.13
C GLY B 169 -29.49 -5.94 -9.28
N PHE B 170 -29.18 -5.94 -7.99
CA PHE B 170 -29.87 -6.81 -7.05
C PHE B 170 -30.93 -5.95 -6.43
N ALA B 171 -31.83 -6.60 -5.70
CA ALA B 171 -32.81 -5.87 -4.95
C ALA B 171 -32.39 -5.98 -3.51
N LEU B 172 -32.86 -5.04 -2.68
CA LEU B 172 -32.61 -5.08 -1.25
C LEU B 172 -33.58 -6.04 -0.58
N ALA B 173 -33.12 -6.63 0.50
CA ALA B 173 -33.95 -7.52 1.30
C ALA B 173 -34.91 -6.69 2.13
N PRO B 174 -36.17 -7.07 2.14
CA PRO B 174 -37.23 -6.35 2.86
C PRO B 174 -36.80 -5.87 4.25
N ASP B 175 -36.30 -6.78 5.09
CA ASP B 175 -35.85 -6.42 6.44
C ASP B 175 -34.59 -5.54 6.43
N THR B 176 -33.76 -5.69 5.39
CA THR B 176 -32.54 -4.90 5.23
C THR B 176 -32.84 -3.47 4.79
N GLU B 177 -33.62 -3.33 3.71
CA GLU B 177 -34.10 -2.02 3.23
C GLU B 177 -34.78 -1.25 4.36
N GLN B 178 -35.75 -1.88 5.02
CA GLN B 178 -36.40 -1.29 6.17
C GLN B 178 -35.34 -0.73 7.13
N ALA B 179 -34.50 -1.61 7.65
CA ALA B 179 -33.43 -1.20 8.57
C ALA B 179 -32.72 0.09 8.14
N ILE B 180 -32.60 0.32 6.84
CA ILE B 180 -31.93 1.52 6.34
C ILE B 180 -32.71 2.78 6.70
N VAL B 181 -33.99 2.80 6.35
CA VAL B 181 -34.84 3.97 6.60
C VAL B 181 -34.87 4.27 8.10
N GLN B 182 -34.95 3.21 8.91
CA GLN B 182 -35.01 3.33 10.37
C GLN B 182 -33.70 3.85 10.95
N ASN B 183 -32.58 3.43 10.37
CA ASN B 183 -31.26 3.81 10.87
C ASN B 183 -30.57 4.83 9.99
N ALA B 184 -31.34 5.47 9.12
CA ALA B 184 -30.84 6.50 8.22
C ALA B 184 -29.85 7.49 8.86
N PRO B 185 -30.20 8.06 10.03
CA PRO B 185 -29.42 9.16 10.62
C PRO B 185 -27.93 8.88 10.71
N LEU B 186 -27.57 7.64 11.05
CA LEU B 186 -26.20 7.27 11.42
C LEU B 186 -25.12 7.70 10.42
N LEU B 187 -25.54 8.07 9.22
CA LEU B 187 -24.66 8.53 8.15
C LEU B 187 -23.82 9.78 8.47
N ALA B 188 -24.46 10.81 9.03
CA ALA B 188 -23.79 12.08 9.33
C ALA B 188 -22.52 11.89 10.18
N HIS B 189 -22.38 10.69 10.78
CA HIS B 189 -21.22 10.31 11.58
C HIS B 189 -20.07 9.78 10.73
N ILE B 190 -20.34 9.40 9.49
CA ILE B 190 -19.33 8.86 8.58
C ILE B 190 -18.76 9.98 7.72
N SER B 191 -17.43 10.08 7.72
CA SER B 191 -16.70 11.13 6.99
C SER B 191 -17.14 11.29 5.56
N VAL B 192 -17.26 12.54 5.12
CA VAL B 192 -17.67 12.87 3.75
C VAL B 192 -16.82 12.12 2.74
N GLU B 193 -15.51 12.22 2.90
CA GLU B 193 -14.57 11.55 2.02
C GLU B 193 -15.09 10.17 1.69
N ARG B 194 -15.47 9.46 2.74
CA ARG B 194 -15.93 8.08 2.62
C ARG B 194 -17.27 7.97 1.91
N MET B 195 -18.16 8.96 2.08
CA MET B 195 -19.45 8.98 1.37
C MET B 195 -19.25 9.21 -0.13
N THR B 196 -18.31 10.08 -0.48
CA THR B 196 -18.10 10.44 -1.86
C THR B 196 -17.72 9.27 -2.72
N MET B 197 -16.66 8.57 -2.33
CA MET B 197 -16.17 7.40 -3.05
C MET B 197 -17.32 6.47 -3.37
N GLU B 198 -18.20 6.28 -2.38
CA GLU B 198 -19.37 5.43 -2.56
C GLU B 198 -20.36 6.01 -3.55
N MET B 199 -20.66 7.30 -3.43
CA MET B 199 -21.52 7.94 -4.42
C MET B 199 -20.92 7.79 -5.81
N GLU B 200 -19.58 7.91 -5.88
CA GLU B 200 -18.83 7.92 -7.14
C GLU B 200 -18.81 6.60 -7.89
N LYS B 201 -19.19 5.54 -7.17
CA LYS B 201 -19.29 4.23 -7.76
C LYS B 201 -20.74 4.05 -8.11
N LEU B 202 -21.60 4.30 -7.13
CA LEU B 202 -23.03 4.25 -7.36
C LEU B 202 -23.36 4.95 -8.67
N LEU B 203 -22.81 6.15 -8.87
CA LEU B 203 -23.07 6.90 -10.10
C LEU B 203 -22.66 6.17 -11.39
N GLY B 204 -21.65 5.31 -11.32
CA GLY B 204 -21.17 4.62 -12.52
C GLY B 204 -21.82 3.27 -12.68
N GLY B 205 -22.79 3.01 -11.82
CA GLY B 205 -23.47 1.75 -11.83
C GLY B 205 -24.12 1.56 -13.16
N PRO B 206 -24.26 0.31 -13.59
CA PRO B 206 -25.12 -0.01 -14.72
C PRO B 206 -26.55 0.04 -14.32
N PHE B 207 -26.86 0.03 -13.02
CA PHE B 207 -28.26 0.18 -12.58
C PHE B 207 -28.55 1.50 -11.87
N ALA B 208 -27.59 2.42 -11.98
CA ALA B 208 -27.64 3.73 -11.38
C ALA B 208 -29.05 4.25 -11.37
N ALA B 209 -29.68 4.10 -12.51
CA ALA B 209 -31.03 4.61 -12.73
C ALA B 209 -32.02 4.37 -11.56
N ARG B 210 -31.93 3.21 -10.90
CA ARG B 210 -32.87 2.88 -9.82
C ARG B 210 -32.17 2.90 -8.47
N ALA B 211 -30.92 3.35 -8.49
CA ALA B 211 -30.12 3.38 -7.28
C ALA B 211 -30.36 4.70 -6.65
N LEU B 212 -30.25 5.72 -7.49
CA LEU B 212 -30.54 7.08 -7.08
C LEU B 212 -31.93 7.18 -6.47
N PRO B 213 -32.96 6.79 -7.21
CA PRO B 213 -34.31 6.81 -6.65
C PRO B 213 -34.29 6.19 -5.27
N LEU B 214 -33.79 4.96 -5.19
CA LEU B 214 -33.70 4.21 -3.94
C LEU B 214 -33.00 4.99 -2.85
N LEU B 215 -31.88 5.61 -3.23
CA LEU B 215 -31.17 6.49 -2.33
C LEU B 215 -32.17 7.44 -1.66
N ALA B 216 -33.30 7.68 -2.31
CA ALA B 216 -34.30 8.57 -1.76
C ALA B 216 -35.37 7.83 -0.95
N GLU B 217 -36.00 6.81 -1.55
CA GLU B 217 -37.04 6.04 -0.86
C GLU B 217 -36.53 5.53 0.48
N THR B 218 -35.22 5.28 0.54
CA THR B 218 -34.55 4.99 1.79
C THR B 218 -34.26 6.29 2.53
N GLY B 219 -34.09 6.19 3.83
CA GLY B 219 -33.74 7.35 4.62
C GLY B 219 -32.48 8.06 4.15
N LEU B 220 -31.71 7.43 3.24
CA LEU B 220 -30.34 7.88 2.90
C LEU B 220 -30.21 9.27 2.32
N ASN B 221 -31.25 9.73 1.62
CA ASN B 221 -31.31 11.10 1.16
C ASN B 221 -31.41 12.06 2.35
N ALA B 222 -30.83 13.27 2.19
CA ALA B 222 -30.79 14.31 3.24
C ALA B 222 -29.83 14.01 4.42
N TYR B 223 -28.87 13.10 4.17
CA TYR B 223 -27.70 12.87 5.03
C TYR B 223 -26.43 12.97 4.19
N LEU B 224 -26.61 12.97 2.87
CA LEU B 224 -25.53 13.10 1.89
C LEU B 224 -25.38 14.53 1.42
N PRO B 225 -24.15 14.98 1.21
CA PRO B 225 -23.85 16.36 0.80
C PRO B 225 -24.77 16.96 -0.27
N GLY B 226 -25.52 17.98 0.12
CA GLY B 226 -26.35 18.74 -0.79
C GLY B 226 -27.57 18.00 -1.29
N LEU B 227 -27.84 16.86 -0.66
CA LEU B 227 -28.95 16.01 -1.08
C LEU B 227 -30.15 16.16 -0.16
N ALA B 228 -30.25 17.32 0.47
CA ALA B 228 -31.39 17.63 1.31
C ALA B 228 -32.61 17.87 0.45
N GLY B 229 -33.68 17.12 0.74
CA GLY B 229 -35.00 17.34 0.17
C GLY B 229 -35.16 17.35 -1.35
N LYS B 230 -34.20 16.78 -2.07
CA LYS B 230 -34.29 16.71 -3.53
C LYS B 230 -35.05 15.47 -3.97
N GLU B 231 -35.79 14.87 -3.04
CA GLU B 231 -36.51 13.60 -3.26
C GLU B 231 -37.06 13.47 -4.67
N LYS B 232 -37.89 14.44 -5.06
CA LYS B 232 -38.50 14.49 -6.39
C LYS B 232 -37.43 14.36 -7.49
N GLN B 233 -36.40 15.19 -7.39
CA GLN B 233 -35.32 15.26 -8.38
C GLN B 233 -34.65 13.92 -8.59
N LEU B 234 -34.46 13.19 -7.49
CA LEU B 234 -33.80 11.89 -7.49
C LEU B 234 -34.62 10.80 -8.14
N ARG B 235 -35.89 10.68 -7.72
CA ARG B 235 -36.79 9.69 -8.31
C ARG B 235 -36.85 9.89 -9.82
N LEU B 236 -37.00 11.15 -10.24
CA LEU B 236 -37.06 11.49 -11.66
C LEU B 236 -35.77 11.07 -12.34
N ALA B 237 -34.67 11.17 -11.59
CA ALA B 237 -33.35 10.86 -12.10
C ALA B 237 -33.35 9.55 -12.87
N ALA B 238 -34.41 8.78 -12.67
CA ALA B 238 -34.53 7.47 -13.30
C ALA B 238 -34.38 7.45 -14.83
N ALA B 239 -34.87 8.47 -15.53
CA ALA B 239 -34.93 8.37 -16.98
C ALA B 239 -33.62 8.67 -17.70
N TYR B 240 -32.66 9.24 -16.97
CA TYR B 240 -31.38 9.59 -17.52
C TYR B 240 -30.56 8.37 -17.92
N ARG B 241 -29.96 8.45 -19.10
CA ARG B 241 -29.14 7.37 -19.64
C ARG B 241 -27.74 7.30 -18.96
N TRP B 242 -27.69 7.41 -17.62
CA TRP B 242 -26.45 7.43 -16.81
C TRP B 242 -25.29 6.63 -17.40
N PRO B 243 -25.46 5.30 -17.49
CA PRO B 243 -24.45 4.43 -18.09
C PRO B 243 -23.74 4.85 -19.39
N TRP B 244 -24.20 5.85 -20.17
CA TRP B 244 -23.31 6.25 -21.26
C TRP B 244 -22.36 7.36 -20.87
N LEU B 245 -22.58 7.89 -19.68
CA LEU B 245 -21.58 8.75 -19.10
C LEU B 245 -20.29 7.88 -18.92
N ALA B 246 -19.18 8.39 -19.45
CA ALA B 246 -17.91 7.67 -19.53
C ALA B 246 -17.01 8.12 -18.40
N ALA B 247 -17.18 9.40 -17.99
CA ALA B 247 -16.28 10.04 -17.04
C ALA B 247 -16.89 10.75 -15.82
N ARG B 248 -16.09 10.72 -14.75
CA ARG B 248 -16.36 11.30 -13.44
C ARG B 248 -17.08 12.61 -13.54
N GLU B 249 -16.42 13.56 -14.18
CA GLU B 249 -17.02 14.84 -14.48
C GLU B 249 -18.41 14.64 -15.08
N GLU B 250 -18.46 13.92 -16.21
CA GLU B 250 -19.70 13.74 -16.98
C GLU B 250 -20.75 13.20 -16.06
N ARG B 251 -20.31 12.37 -15.12
CA ARG B 251 -21.15 11.84 -14.06
C ARG B 251 -21.65 12.98 -13.16
N TRP B 252 -20.78 13.54 -12.34
CA TRP B 252 -21.21 14.63 -11.46
C TRP B 252 -22.01 15.60 -12.27
N ALA B 253 -21.61 15.78 -13.51
CA ALA B 253 -22.23 16.75 -14.38
C ALA B 253 -23.73 16.54 -14.43
N LEU B 254 -24.14 15.39 -14.95
CA LEU B 254 -25.53 15.07 -15.09
C LEU B 254 -26.21 15.00 -13.75
N LEU B 255 -25.50 14.49 -12.74
CA LEU B 255 -26.06 14.43 -11.37
C LEU B 255 -26.52 15.79 -10.91
N CYS B 256 -25.69 16.80 -11.11
CA CYS B 256 -26.07 18.15 -10.80
C CYS B 256 -27.32 18.49 -11.58
N HIS B 257 -27.22 18.47 -12.91
CA HIS B 257 -28.31 18.84 -13.84
C HIS B 257 -29.72 18.32 -13.46
N ALA B 258 -29.80 17.03 -13.21
CA ALA B 258 -31.04 16.35 -12.86
C ALA B 258 -31.49 16.59 -11.43
N LEU B 259 -30.61 17.18 -10.65
CA LEU B 259 -31.02 17.67 -9.35
C LEU B 259 -31.47 19.11 -9.58
N GLY B 260 -31.10 19.67 -10.74
CA GLY B 260 -31.30 21.07 -11.08
C GLY B 260 -30.38 22.02 -10.33
N VAL B 261 -29.35 21.46 -9.70
CA VAL B 261 -28.43 22.20 -8.83
C VAL B 261 -28.05 23.55 -9.40
N GLN B 262 -28.26 24.59 -8.59
CA GLN B 262 -27.97 25.95 -8.99
C GLN B 262 -26.48 26.18 -9.27
N GLU B 263 -25.71 26.44 -8.22
CA GLU B 263 -24.29 26.71 -8.34
C GLU B 263 -23.54 25.41 -8.11
N SER B 264 -22.89 24.90 -9.14
CA SER B 264 -22.21 23.60 -9.10
C SER B 264 -21.08 23.55 -8.09
N ARG B 265 -20.40 24.69 -7.97
CA ARG B 265 -19.17 24.84 -7.20
C ARG B 265 -19.29 24.51 -5.70
N PRO B 266 -20.24 25.12 -4.98
CA PRO B 266 -20.42 24.82 -3.57
C PRO B 266 -20.89 23.40 -3.39
N PHE B 267 -21.70 22.93 -4.33
CA PHE B 267 -22.26 21.59 -4.24
C PHE B 267 -21.18 20.50 -4.32
N LEU B 268 -20.57 20.33 -5.48
CA LEU B 268 -19.52 19.32 -5.66
C LEU B 268 -18.41 19.43 -4.61
N ARG B 269 -18.24 20.62 -4.05
CA ARG B 269 -17.14 20.86 -3.13
C ARG B 269 -17.46 20.23 -1.80
N ALA B 270 -18.74 20.22 -1.46
CA ALA B 270 -19.19 19.63 -0.23
C ALA B 270 -18.89 18.16 -0.26
N TRP B 271 -18.89 17.61 -1.46
CA TRP B 271 -18.58 16.21 -1.66
C TRP B 271 -17.07 15.95 -1.51
N LYS B 272 -16.31 16.99 -1.17
CA LYS B 272 -14.85 16.89 -1.00
C LYS B 272 -14.16 16.21 -2.20
N LEU B 273 -14.70 16.52 -3.37
CA LEU B 273 -14.15 16.10 -4.63
C LEU B 273 -12.97 16.98 -4.94
N PRO B 274 -11.93 16.44 -5.57
CA PRO B 274 -10.78 17.27 -5.96
C PRO B 274 -11.19 18.46 -6.85
N ASN B 275 -10.37 19.50 -6.87
CA ASN B 275 -10.69 20.69 -7.67
C ASN B 275 -10.85 20.34 -9.12
N LYS B 276 -9.82 19.76 -9.72
CA LYS B 276 -9.79 19.51 -11.15
C LYS B 276 -11.08 18.85 -11.70
N VAL B 277 -11.90 18.32 -10.80
CA VAL B 277 -13.15 17.71 -11.16
C VAL B 277 -14.23 18.77 -11.04
N VAL B 278 -14.48 19.20 -9.83
CA VAL B 278 -15.40 20.31 -9.54
C VAL B 278 -15.26 21.52 -10.49
N ASP B 279 -14.03 21.76 -10.98
CA ASP B 279 -13.77 22.76 -12.00
C ASP B 279 -14.29 22.28 -13.34
N GLU B 280 -13.71 21.22 -13.90
CA GLU B 280 -14.22 20.68 -15.17
C GLU B 280 -15.66 20.25 -15.09
N ALA B 281 -16.12 19.97 -13.87
CA ALA B 281 -17.52 19.64 -13.66
C ALA B 281 -18.37 20.79 -14.18
N GLY B 282 -18.35 21.91 -13.45
CA GLY B 282 -19.08 23.13 -13.80
C GLY B 282 -18.84 23.50 -15.26
N ALA B 283 -17.57 23.50 -15.63
CA ALA B 283 -17.15 23.71 -17.01
C ALA B 283 -18.22 23.21 -17.94
N ILE B 284 -18.57 21.95 -17.78
CA ILE B 284 -19.50 21.29 -18.68
C ILE B 284 -20.88 21.76 -18.36
N LEU B 285 -21.25 21.67 -17.08
CA LEU B 285 -22.56 22.09 -16.65
C LEU B 285 -22.91 23.38 -17.35
N THR B 286 -21.89 24.24 -17.48
CA THR B 286 -22.01 25.55 -18.11
C THR B 286 -22.17 25.48 -19.61
N ALA B 287 -21.12 25.06 -20.31
CA ALA B 287 -21.21 24.86 -21.75
C ALA B 287 -22.56 24.26 -22.18
N LEU B 288 -23.11 23.37 -21.35
CA LEU B 288 -24.41 22.79 -21.58
C LEU B 288 -25.55 23.79 -21.51
N ALA B 289 -25.58 24.63 -20.47
CA ALA B 289 -26.64 25.63 -20.35
C ALA B 289 -26.50 26.66 -21.46
N ASP B 290 -25.27 27.00 -21.81
CA ASP B 290 -25.00 28.02 -22.83
C ASP B 290 -25.29 27.53 -24.22
N ILE B 291 -24.98 26.28 -24.51
CA ILE B 291 -25.38 25.75 -25.79
C ILE B 291 -26.55 24.75 -25.64
N PRO B 292 -27.75 25.17 -26.06
CA PRO B 292 -28.96 24.36 -25.86
C PRO B 292 -29.14 23.34 -26.95
N ARG B 293 -28.37 23.48 -28.03
CA ARG B 293 -28.48 22.61 -29.19
C ARG B 293 -27.09 22.23 -29.75
N PRO B 294 -26.92 20.94 -30.06
CA PRO B 294 -25.69 20.41 -30.69
C PRO B 294 -25.22 21.07 -32.01
N GLU B 295 -26.15 21.66 -32.78
CA GLU B 295 -25.78 22.36 -34.01
C GLU B 295 -25.28 23.75 -33.69
N ALA B 296 -25.47 24.16 -32.44
CA ALA B 296 -25.24 25.53 -32.07
C ALA B 296 -23.82 25.78 -31.61
N TRP B 297 -23.00 24.73 -31.52
CA TRP B 297 -21.59 24.92 -31.18
C TRP B 297 -20.92 25.84 -32.20
N THR B 298 -20.10 26.76 -31.71
CA THR B 298 -19.57 27.84 -32.52
C THR B 298 -18.08 27.76 -32.56
N ASN B 299 -17.50 27.83 -33.75
CA ASN B 299 -16.07 27.69 -33.90
C ASN B 299 -15.32 28.26 -32.71
N GLU B 300 -15.82 29.39 -32.23
CA GLU B 300 -15.32 30.06 -31.03
C GLU B 300 -15.46 29.02 -29.93
N GLN B 301 -16.71 28.68 -29.60
CA GLN B 301 -17.10 27.91 -28.42
C GLN B 301 -16.37 26.62 -28.29
N LEU B 302 -16.23 25.94 -29.42
CA LEU B 302 -15.54 24.69 -29.48
C LEU B 302 -14.09 24.94 -29.12
N PHE B 303 -13.40 25.79 -29.88
CA PHE B 303 -12.02 26.14 -29.57
C PHE B 303 -11.88 26.44 -28.10
N SER B 304 -12.90 27.10 -27.55
CA SER B 304 -12.88 27.55 -26.18
C SER B 304 -12.98 26.45 -25.18
N ALA B 305 -13.84 25.48 -25.43
CA ALA B 305 -13.99 24.36 -24.49
C ALA B 305 -13.02 23.22 -24.77
N GLY B 306 -12.58 23.09 -26.01
CA GLY B 306 -11.55 22.12 -26.37
C GLY B 306 -12.12 20.73 -26.54
N LEU B 307 -12.03 20.20 -27.76
CA LEU B 307 -12.66 18.93 -28.10
C LEU B 307 -13.15 18.07 -26.95
N GLU B 308 -12.23 17.56 -26.17
CA GLU B 308 -12.57 16.63 -25.11
C GLU B 308 -13.83 17.04 -24.39
N ARG B 309 -13.86 18.28 -23.92
CA ARG B 309 -14.94 18.72 -23.08
C ARG B 309 -16.19 18.88 -23.91
N ALA B 310 -16.02 19.37 -25.12
CA ALA B 310 -17.13 19.46 -26.04
C ALA B 310 -17.90 18.14 -26.08
N LEU B 311 -17.22 17.11 -26.54
CA LEU B 311 -17.79 15.82 -26.56
C LEU B 311 -18.48 15.46 -25.27
N SER B 312 -17.74 15.58 -24.18
CA SER B 312 -18.31 15.29 -22.88
C SER B 312 -19.65 15.98 -22.74
N VAL B 313 -19.73 17.25 -23.13
CA VAL B 313 -20.98 18.01 -23.10
C VAL B 313 -22.11 17.24 -23.79
N GLU B 314 -21.95 16.95 -25.09
CA GLU B 314 -22.95 16.18 -25.87
C GLU B 314 -23.25 14.80 -25.31
N THR B 315 -22.26 14.23 -24.65
CA THR B 315 -22.48 12.97 -23.99
C THR B 315 -23.39 13.14 -22.76
N VAL B 316 -23.25 14.28 -22.07
CA VAL B 316 -24.13 14.56 -20.92
C VAL B 316 -25.49 14.87 -21.51
N ARG B 317 -25.53 15.80 -22.47
CA ARG B 317 -26.79 16.13 -23.15
C ARG B 317 -27.51 14.85 -23.54
N ALA B 318 -26.72 13.91 -24.06
CA ALA B 318 -27.24 12.65 -24.50
C ALA B 318 -27.96 12.02 -23.34
N ALA B 319 -27.23 11.75 -22.27
CA ALA B 319 -27.77 11.11 -21.08
C ALA B 319 -29.06 11.79 -20.63
N PHE B 320 -29.25 13.04 -21.06
CA PHE B 320 -30.44 13.77 -20.70
C PHE B 320 -31.55 13.60 -21.74
N THR B 321 -31.20 13.68 -23.02
CA THR B 321 -32.17 13.65 -24.13
C THR B 321 -32.68 12.26 -24.44
N GLY B 322 -31.78 11.42 -24.90
CA GLY B 322 -32.12 10.11 -25.37
C GLY B 322 -31.35 9.95 -26.65
N ALA B 323 -31.01 11.09 -27.22
CA ALA B 323 -30.31 11.14 -28.50
C ALA B 323 -28.86 10.67 -28.42
N PRO B 324 -28.54 9.63 -29.16
CA PRO B 324 -27.18 9.11 -29.18
C PRO B 324 -26.17 10.15 -29.69
N PRO B 325 -25.10 10.34 -28.93
CA PRO B 325 -24.05 11.34 -29.18
C PRO B 325 -23.19 11.03 -30.38
N GLY B 326 -23.05 9.74 -30.67
CA GLY B 326 -22.36 9.23 -31.87
C GLY B 326 -22.06 10.29 -32.92
N PRO B 327 -23.10 10.72 -33.66
CA PRO B 327 -22.97 11.69 -34.77
C PRO B 327 -22.36 13.04 -34.38
N TRP B 328 -22.76 13.53 -33.21
CA TRP B 328 -22.30 14.82 -32.76
C TRP B 328 -20.84 14.78 -32.47
N HIS B 329 -20.47 13.89 -31.56
CA HIS B 329 -19.08 13.52 -31.31
C HIS B 329 -18.27 13.46 -32.61
N GLU B 330 -18.82 12.84 -33.64
CA GLU B 330 -18.13 12.75 -34.91
C GLU B 330 -18.10 14.04 -35.68
N LYS B 331 -19.14 14.86 -35.56
CA LYS B 331 -19.13 16.17 -36.20
C LYS B 331 -18.17 17.13 -35.50
N LEU B 332 -18.13 17.05 -34.17
CA LEU B 332 -17.25 17.87 -33.34
C LEU B 332 -15.82 17.54 -33.68
N ARG B 333 -15.53 16.25 -33.69
CA ARG B 333 -14.17 15.79 -33.93
C ARG B 333 -13.67 16.22 -35.29
N ARG B 334 -14.59 16.52 -36.20
CA ARG B 334 -14.20 17.06 -37.49
C ARG B 334 -13.90 18.54 -37.36
N ARG B 335 -14.92 19.27 -36.93
CA ARG B 335 -14.81 20.74 -36.82
C ARG B 335 -13.56 21.17 -36.09
N PHE B 336 -13.22 20.41 -35.05
CA PHE B 336 -12.11 20.76 -34.17
C PHE B 336 -10.76 20.53 -34.87
N ALA B 337 -10.72 19.63 -35.84
CA ALA B 337 -9.46 19.39 -36.53
C ALA B 337 -9.42 20.17 -37.82
N SER B 338 -10.28 21.17 -37.90
CA SER B 338 -10.33 22.12 -39.01
C SER B 338 -10.20 23.55 -38.52
N LEU B 339 -10.56 23.77 -37.25
CA LEU B 339 -10.28 25.00 -36.52
C LEU B 339 -8.88 25.41 -36.86
N PRO B 340 -8.72 26.59 -37.47
CA PRO B 340 -7.42 27.05 -38.02
C PRO B 340 -6.33 27.24 -37.00
N ILE B 341 -6.72 27.30 -35.73
CA ILE B 341 -5.87 27.02 -34.58
C ILE B 341 -6.68 26.27 -33.52
N LYS B 342 -6.02 25.53 -32.64
CA LYS B 342 -6.79 24.76 -31.66
C LYS B 342 -6.51 25.17 -30.22
N THR B 343 -5.40 25.88 -30.01
CA THR B 343 -5.06 26.46 -28.71
C THR B 343 -4.80 27.95 -28.86
N LYS B 344 -4.56 28.62 -27.74
CA LYS B 344 -4.13 30.01 -27.82
C LYS B 344 -2.63 30.15 -28.14
N GLY B 345 -1.84 29.15 -27.77
CA GLY B 345 -0.41 29.20 -28.01
C GLY B 345 -0.01 29.12 -29.48
N GLU B 346 -0.89 28.54 -30.28
CA GLU B 346 -0.73 28.41 -31.74
C GLU B 346 -0.75 29.76 -32.51
N LEU B 347 -1.32 30.81 -31.88
CA LEU B 347 -1.56 32.11 -32.55
C LEU B 347 -0.25 32.65 -33.06
N ALA B 348 -0.14 32.84 -34.36
CA ALA B 348 1.13 33.23 -34.97
C ALA B 348 1.63 34.59 -34.47
N VAL B 349 0.79 35.29 -33.71
CA VAL B 349 1.04 36.66 -33.30
C VAL B 349 1.20 36.73 -31.79
N ASN B 350 2.23 37.46 -31.39
CA ASN B 350 2.67 37.54 -30.01
C ASN B 350 2.12 38.81 -29.37
N GLY B 351 1.71 38.72 -28.10
CA GLY B 351 1.30 39.89 -27.35
C GLY B 351 2.26 41.08 -27.43
N LYS B 352 3.55 40.78 -27.58
CA LYS B 352 4.58 41.81 -27.68
C LYS B 352 4.51 42.44 -29.05
N ASP B 353 4.08 41.64 -30.00
CA ASP B 353 3.96 42.08 -31.38
C ASP B 353 2.90 43.17 -31.48
N VAL B 354 1.77 42.99 -30.79
CA VAL B 354 0.65 43.97 -30.70
C VAL B 354 1.09 45.30 -30.05
N ILE B 355 2.06 45.23 -29.14
CA ILE B 355 2.56 46.43 -28.54
C ILE B 355 3.43 47.15 -29.53
N GLU B 356 4.52 46.54 -29.98
CA GLU B 356 5.38 47.18 -30.96
C GLU B 356 4.63 47.47 -32.30
N TRP B 357 3.31 47.30 -32.29
CA TRP B 357 2.53 47.56 -33.48
C TRP B 357 1.55 48.70 -33.39
N VAL B 358 0.92 48.87 -32.22
CA VAL B 358 -0.03 49.93 -31.89
C VAL B 358 0.59 51.06 -31.05
N GLY B 359 1.92 51.05 -30.90
CA GLY B 359 2.64 52.01 -30.07
C GLY B 359 1.98 52.51 -28.81
N LYS B 360 1.53 51.57 -27.96
CA LYS B 360 1.00 51.88 -26.63
C LYS B 360 1.89 51.15 -25.59
N PRO B 361 1.86 51.53 -24.30
CA PRO B 361 2.61 50.80 -23.28
C PRO B 361 1.96 49.46 -23.02
N ALA B 362 2.67 48.51 -22.40
CA ALA B 362 2.07 47.22 -22.04
C ALA B 362 0.98 47.43 -21.00
N GLY B 363 -0.12 46.67 -21.10
CA GLY B 363 -1.23 46.80 -20.16
C GLY B 363 -2.46 45.92 -20.36
N PRO B 364 -3.61 46.38 -19.85
CA PRO B 364 -4.90 45.69 -20.01
C PRO B 364 -5.45 45.58 -21.44
N TRP B 365 -5.36 46.63 -22.26
CA TRP B 365 -5.84 46.59 -23.65
C TRP B 365 -5.28 45.39 -24.44
N VAL B 366 -4.01 45.05 -24.20
CA VAL B 366 -3.27 44.01 -24.93
C VAL B 366 -4.02 42.68 -24.99
N LYS B 367 -4.52 42.22 -23.84
CA LYS B 367 -5.33 41.01 -23.74
C LYS B 367 -6.48 41.14 -24.72
N GLU B 368 -7.38 42.09 -24.46
CA GLU B 368 -8.50 42.42 -25.34
C GLU B 368 -8.14 42.42 -26.84
N ALA B 369 -6.91 42.81 -27.15
CA ALA B 369 -6.43 42.80 -28.51
C ALA B 369 -6.35 41.36 -28.97
N LEU B 370 -5.41 40.62 -28.40
CA LEU B 370 -5.24 39.20 -28.74
C LEU B 370 -6.55 38.43 -28.63
N ASP B 371 -7.28 38.61 -27.55
CA ASP B 371 -8.64 38.11 -27.36
C ASP B 371 -9.46 38.22 -28.64
N ALA B 372 -9.45 39.37 -29.30
CA ALA B 372 -10.24 39.52 -30.50
C ALA B 372 -9.51 39.11 -31.78
N ILE B 373 -8.20 38.88 -31.71
CA ILE B 373 -7.42 38.26 -32.81
C ILE B 373 -7.67 36.75 -32.96
N TRP B 374 -7.63 35.95 -31.88
CA TRP B 374 -7.90 34.52 -32.02
C TRP B 374 -9.29 34.35 -32.56
N ARG B 375 -10.25 35.04 -31.94
CA ARG B 375 -11.66 35.00 -32.36
C ARG B 375 -11.84 35.43 -33.81
N ALA B 376 -10.75 35.87 -34.39
CA ALA B 376 -10.78 36.33 -35.76
C ALA B 376 -10.08 35.32 -36.56
N VAL B 377 -9.01 34.75 -36.03
CA VAL B 377 -8.30 33.64 -36.68
C VAL B 377 -9.18 32.36 -36.76
N VAL B 378 -9.81 32.09 -35.62
CA VAL B 378 -10.71 30.97 -35.46
C VAL B 378 -11.88 31.11 -36.44
N ASN B 379 -12.65 32.19 -36.39
CA ASN B 379 -13.85 32.27 -37.22
C ASN B 379 -13.52 32.48 -38.69
N GLY B 380 -12.23 32.34 -39.01
CA GLY B 380 -11.72 32.37 -40.38
C GLY B 380 -11.75 33.73 -41.08
N GLU B 381 -11.93 34.78 -40.25
CA GLU B 381 -11.99 36.20 -40.62
C GLU B 381 -10.67 36.66 -41.20
N VAL B 382 -9.59 36.39 -40.49
CA VAL B 382 -8.24 36.71 -40.95
C VAL B 382 -7.36 35.50 -40.77
N GLU B 383 -6.47 35.26 -41.73
CA GLU B 383 -5.43 34.24 -41.62
C GLU B 383 -4.76 34.08 -40.24
N ASN B 384 -3.93 33.07 -40.08
CA ASN B 384 -3.07 32.98 -38.93
C ASN B 384 -1.66 33.04 -39.37
N GLU B 385 -1.37 34.09 -40.13
CA GLU B 385 -0.02 34.46 -40.46
C GLU B 385 0.23 35.89 -39.88
N LYS B 386 1.51 36.21 -39.58
CA LYS B 386 1.89 37.52 -39.02
C LYS B 386 1.41 38.68 -39.87
N GLU B 387 1.91 38.74 -41.10
CA GLU B 387 1.68 39.89 -41.94
C GLU B 387 0.23 40.29 -41.88
N ARG B 388 -0.64 39.35 -42.24
CA ARG B 388 -2.06 39.58 -42.40
C ARG B 388 -2.80 39.97 -41.13
N ILE B 389 -2.46 39.36 -40.00
CA ILE B 389 -2.96 39.85 -38.70
C ILE B 389 -2.52 41.30 -38.41
N TYR B 390 -1.32 41.70 -38.84
CA TYR B 390 -0.88 43.06 -38.59
C TYR B 390 -1.90 43.96 -39.21
N ALA B 391 -2.04 43.81 -40.52
CA ALA B 391 -2.98 44.59 -41.26
C ALA B 391 -4.30 44.53 -40.52
N TRP B 392 -4.78 43.30 -40.28
CA TRP B 392 -6.08 43.05 -39.63
C TRP B 392 -6.23 43.87 -38.37
N LEU B 393 -5.16 44.01 -37.60
CA LEU B 393 -5.23 44.78 -36.39
C LEU B 393 -5.20 46.26 -36.76
N MET B 394 -4.20 46.64 -37.56
CA MET B 394 -4.05 48.01 -37.94
C MET B 394 -5.37 48.52 -38.45
N GLU B 395 -5.93 47.85 -39.45
CA GLU B 395 -7.10 48.36 -40.14
C GLU B 395 -8.42 48.26 -39.38
N ARG B 396 -8.37 47.67 -38.18
CA ARG B 396 -9.52 47.67 -37.28
C ARG B 396 -9.37 48.68 -36.14
N ASN B 397 -8.26 49.41 -36.13
CA ASN B 397 -8.07 50.46 -35.11
C ASN B 397 -8.45 51.89 -35.57
N ARG B 398 -8.35 52.12 -36.89
CA ARG B 398 -8.90 53.31 -37.51
C ARG B 398 -10.39 53.11 -37.85
N THR B 399 -10.87 51.90 -37.64
CA THR B 399 -12.30 51.60 -37.71
C THR B 399 -12.97 52.03 -36.42
N ARG B 400 -12.22 51.92 -35.31
CA ARG B 400 -12.72 52.28 -33.98
C ARG B 400 -12.56 53.78 -33.71
N GLU B 401 -12.16 54.52 -34.76
CA GLU B 401 -12.11 55.98 -34.75
C GLU B 401 -13.28 56.56 -35.54
N LYS B 402 -13.63 55.87 -36.62
CA LYS B 402 -14.77 56.25 -37.45
C LYS B 402 -16.11 55.94 -36.76
N ASN B 403 -16.09 54.98 -35.83
CA ASN B 403 -17.30 54.52 -35.14
C ASN B 403 -17.73 55.35 -33.91
N CYS B 404 -16.77 56.05 -33.30
CA CYS B 404 -17.07 56.97 -32.19
C CYS B 404 -16.26 58.27 -32.25
MG MG C . 13.91 3.48 0.23
MG MG D . 10.21 -0.85 -5.52
N1 CTP E . 13.99 9.96 4.81
C2 CTP E . 13.96 11.14 5.55
N3 CTP E . 13.91 11.08 6.94
C4 CTP E . 13.89 9.88 7.59
C5 CTP E . 13.88 8.69 6.87
C6 CTP E . 13.97 8.75 5.47
O2 CTP E . 13.98 12.24 4.99
N4 CTP E . 13.87 9.88 8.90
C1' CTP E . 13.91 10.10 3.31
C2' CTP E . 15.26 10.03 2.61
O2' CTP E . 15.69 11.34 2.27
C3' CTP E . 15.05 9.05 1.43
C4' CTP E . 13.56 8.66 1.47
O4' CTP E . 13.04 9.14 2.71
O3' CTP E . 15.51 9.50 0.15
C5' CTP E . 13.34 7.14 1.35
O5' CTP E . 13.59 6.60 2.63
PA CTP E . 14.44 5.24 2.88
O1A CTP E . 13.47 4.09 2.88
O2A CTP E . 15.22 5.20 4.24
O3A CTP E . 15.42 5.21 1.57
PB CTP E . 16.89 5.92 1.56
O1B CTP E . 17.02 6.79 2.78
O2B CTP E . 16.95 6.73 0.22
O3B CTP E . 18.02 4.75 1.73
PG CTP E . 17.61 3.20 1.99
O1G CTP E . 16.73 2.88 0.68
O2G CTP E . 18.91 2.28 2.02
O3G CTP E . 16.69 2.94 3.27
MG MG F . -12.48 -5.12 -3.26
MG MG G . -5.86 -7.01 -7.59
N1 CTP H . -16.42 -4.55 3.71
C2 CTP H . -17.01 -4.48 4.98
N3 CTP H . -17.52 -3.28 5.43
C4 CTP H . -17.46 -2.16 4.64
C5 CTP H . -16.83 -2.20 3.40
C6 CTP H . -16.33 -3.42 2.94
O2 CTP H . -17.11 -5.46 5.73
N4 CTP H . -18.00 -1.05 5.12
C1' CTP H . -15.75 -5.83 3.30
C2' CTP H . -16.59 -6.75 2.40
O2' CTP H . -17.22 -7.76 3.18
C3' CTP H . -15.60 -7.29 1.36
C4' CTP H . -14.28 -6.61 1.68
O4' CTP H . -14.47 -5.66 2.72
O3' CTP H . -15.44 -8.70 1.27
C5' CTP H . -13.72 -5.91 0.44
O5' CTP H . -14.34 -4.65 0.24
PA CTP H . -14.76 -4.04 -1.23
O1A CTP H . -13.58 -3.30 -1.76
O2A CTP H . -15.97 -3.04 -1.16
O3A CTP H . -15.13 -5.40 -2.08
PB CTP H . -16.55 -6.25 -2.03
O1B CTP H . -17.45 -5.71 -0.97
O2B CTP H . -16.34 -7.78 -1.79
O3B CTP H . -17.18 -5.93 -3.49
PG CTP H . -16.45 -4.84 -4.49
O1G CTP H . -15.06 -5.54 -4.84
O2G CTP H . -17.34 -4.63 -5.80
O3G CTP H . -16.23 -3.38 -3.84
#